data_9RUR
#
_entry.id   9RUR
#
_cell.length_a   89.98
_cell.length_b   89.98
_cell.length_c   241.352
_cell.angle_alpha   90
_cell.angle_beta   90
_cell.angle_gamma   90
#
_symmetry.space_group_name_H-M   'P 41 21 2'
#
loop_
_entity.id
_entity.type
_entity.pdbx_description
1 polymer "Bifunctional 3'-5' exonuclease/ATP-dependent helicase WRN"
2 non-polymer 'PHOSPHOTHIOPHOSPHORIC ACID-ADENYLATE ESTER'
3 non-polymer 'DIMETHYL SULFOXIDE'
4 non-polymer 1,2-ETHANEDIOL
5 non-polymer 2-ethylsulfanyl-~{N}-[1-[(4-fluorophenyl)methyl]indazol-3-yl]ethanamide
6 non-polymer "ADENOSINE-5'-DIPHOSPHATE"
7 non-polymer 'ZINC ION'
8 non-polymer 'MAGNESIUM ION'
9 water water
#
_entity_poly.entity_id   1
_entity_poly.type   'polypeptide(L)'
_entity_poly.pdbx_seq_one_letter_code
;GMNEGEEDDDKDFLWPAPNEEQVTCLKMYFGHSSFKPVQWKVIHSVLEERRDNVAVMATGYGKSLCFQYPPVYVGKIGLV
ISPLISLMEDQVLQLKMSNIPACFLGSAQSENVLTDIKLGKYRIVYVTPEYCSGNMGLLQQLEADIGITLIAVDEAHCIS
EWGHDFRDSFRKLGSLKTALPMVPIVALTATASSSIREDIVRCLNLRNPQITCTGFDRPNLYLEVRRKTGNILQDLQPFL
VKTSSHWEFEGPTIIYCPSRKMTQQVTGELRKLNLSCGTYHAGMSFSTRKDIHHRFVRDEIQCVIATIAFGMGINKADIR
QVIHYGAPKDMESYYQEIGRAGRDGLQSSCHVLWAPADINLNRHLLTEIRNEKFRLYKLKMMAKMEKYLHSSRCRRQIIL
SHFEDKQVQKASLGIMGTEKCCDNCRS
;
_entity_poly.pdbx_strand_id   A,B
#
# COMPACT_ATOMS: atom_id res chain seq x y z
N TRP A 15 -41.75 0.61 3.71
CA TRP A 15 -40.68 0.03 4.52
C TRP A 15 -40.40 0.80 5.82
N PRO A 16 -40.46 0.10 6.96
CA PRO A 16 -40.21 0.75 8.27
C PRO A 16 -38.74 1.02 8.57
N ALA A 17 -38.48 1.96 9.47
CA ALA A 17 -37.11 2.31 9.85
C ALA A 17 -36.70 1.62 11.14
N PRO A 18 -35.40 1.31 11.28
CA PRO A 18 -34.94 0.67 12.52
C PRO A 18 -34.99 1.66 13.71
N ASN A 19 -35.36 1.17 14.90
CA ASN A 19 -35.44 2.01 16.09
C ASN A 19 -34.05 2.22 16.76
N GLU A 20 -33.98 3.03 17.84
CA GLU A 20 -32.73 3.29 18.55
C GLU A 20 -32.10 2.03 19.11
N GLU A 21 -32.91 1.11 19.68
CA GLU A 21 -32.38 -0.16 20.21
C GLU A 21 -31.67 -0.95 19.12
N GLN A 22 -32.26 -0.95 17.91
CA GLN A 22 -31.73 -1.63 16.75
C GLN A 22 -30.43 -1.02 16.24
N VAL A 23 -30.39 0.30 16.07
CA VAL A 23 -29.19 1.01 15.60
C VAL A 23 -28.03 0.92 16.62
N THR A 24 -28.35 1.00 17.93
CA THR A 24 -27.36 0.92 19.00
C THR A 24 -26.76 -0.48 19.07
N CYS A 25 -27.57 -1.53 18.85
CA CYS A 25 -27.09 -2.91 18.83
C CYS A 25 -26.13 -3.12 17.65
N LEU A 26 -26.46 -2.55 16.49
CA LEU A 26 -25.65 -2.61 15.28
C LEU A 26 -24.28 -1.95 15.52
N LYS A 27 -24.26 -0.81 16.20
CA LYS A 27 -23.01 -0.11 16.48
C LYS A 27 -22.18 -0.80 17.56
N MET A 28 -22.84 -1.31 18.60
CA MET A 28 -22.16 -1.94 19.73
C MET A 28 -21.49 -3.27 19.40
N TYR A 29 -22.20 -4.17 18.70
CA TYR A 29 -21.67 -5.49 18.39
C TYR A 29 -21.11 -5.65 16.99
N PHE A 30 -21.39 -4.71 16.08
CA PHE A 30 -20.92 -4.84 14.69
C PHE A 30 -20.09 -3.63 14.20
N GLY A 31 -20.22 -2.49 14.85
CA GLY A 31 -19.45 -1.30 14.51
C GLY A 31 -19.99 -0.46 13.38
N HIS A 32 -21.13 -0.82 12.78
CA HIS A 32 -21.70 -0.05 11.68
C HIS A 32 -22.71 0.99 12.15
N SER A 33 -22.68 2.17 11.53
CA SER A 33 -23.60 3.25 11.89
C SER A 33 -24.96 3.14 11.18
N SER A 34 -25.05 2.34 10.10
CA SER A 34 -26.30 2.17 9.36
C SER A 34 -26.38 0.81 8.67
N PHE A 35 -27.61 0.39 8.35
CA PHE A 35 -27.92 -0.85 7.65
C PHE A 35 -27.99 -0.55 6.15
N LYS A 36 -27.40 -1.40 5.31
CA LYS A 36 -27.51 -1.24 3.87
C LYS A 36 -28.95 -1.59 3.45
N PRO A 37 -29.51 -0.97 2.39
CA PRO A 37 -30.92 -1.21 2.05
C PRO A 37 -31.38 -2.67 2.03
N VAL A 38 -30.66 -3.56 1.33
CA VAL A 38 -31.05 -4.97 1.25
C VAL A 38 -30.80 -5.71 2.58
N GLN A 39 -29.81 -5.26 3.39
CA GLN A 39 -29.57 -5.89 4.69
C GLN A 39 -30.77 -5.66 5.59
N TRP A 40 -31.30 -4.43 5.59
CA TRP A 40 -32.47 -4.09 6.40
C TRP A 40 -33.72 -4.79 5.89
N LYS A 41 -33.87 -4.97 4.56
CA LYS A 41 -35.03 -5.69 4.01
C LYS A 41 -35.04 -7.13 4.51
N VAL A 42 -33.87 -7.80 4.54
CA VAL A 42 -33.77 -9.18 5.03
C VAL A 42 -33.95 -9.22 6.55
N ILE A 43 -33.22 -8.38 7.28
CA ILE A 43 -33.27 -8.33 8.75
C ILE A 43 -34.69 -8.06 9.26
N HIS A 44 -35.36 -7.04 8.72
CA HIS A 44 -36.72 -6.70 9.12
C HIS A 44 -37.69 -7.82 8.81
N SER A 45 -37.59 -8.43 7.62
CA SER A 45 -38.51 -9.50 7.23
C SER A 45 -38.38 -10.75 8.12
N VAL A 46 -37.18 -11.01 8.66
CA VAL A 46 -36.96 -12.16 9.53
C VAL A 46 -37.46 -11.82 10.94
N LEU A 47 -37.09 -10.64 11.44
CA LEU A 47 -37.47 -10.21 12.79
C LEU A 47 -38.97 -9.99 13.00
N GLU A 48 -39.62 -9.29 12.07
CA GLU A 48 -41.03 -8.95 12.23
C GLU A 48 -41.99 -9.90 11.56
N GLU A 49 -41.66 -10.40 10.38
CA GLU A 49 -42.58 -11.29 9.65
C GLU A 49 -42.22 -12.77 9.71
N ARG A 50 -41.05 -13.13 10.30
CA ARG A 50 -40.58 -14.53 10.39
C ARG A 50 -40.59 -15.21 9.02
N ARG A 51 -40.21 -14.45 7.98
CA ARG A 51 -40.26 -14.87 6.59
C ARG A 51 -38.96 -15.44 6.03
N ASP A 52 -39.08 -16.49 5.21
CA ASP A 52 -37.97 -17.10 4.50
C ASP A 52 -37.43 -16.07 3.50
N ASN A 53 -36.11 -16.08 3.29
CA ASN A 53 -35.48 -15.15 2.37
C ASN A 53 -34.52 -15.88 1.45
N VAL A 54 -34.43 -15.42 0.21
CA VAL A 54 -33.44 -15.92 -0.74
C VAL A 54 -32.74 -14.67 -1.20
N ALA A 55 -31.48 -14.50 -0.82
CA ALA A 55 -30.74 -13.31 -1.19
C ALA A 55 -29.59 -13.63 -2.12
N VAL A 56 -29.66 -13.10 -3.36
CA VAL A 56 -28.61 -13.25 -4.37
C VAL A 56 -27.53 -12.27 -3.92
N MET A 57 -26.42 -12.82 -3.42
CA MET A 57 -25.37 -12.02 -2.81
C MET A 57 -24.11 -11.82 -3.65
N ALA A 58 -23.80 -10.55 -3.89
CA ALA A 58 -22.62 -10.11 -4.61
C ALA A 58 -21.53 -9.90 -3.59
N THR A 59 -20.33 -10.43 -3.86
CA THR A 59 -19.19 -10.33 -2.93
C THR A 59 -18.87 -8.86 -2.58
N GLY A 60 -18.69 -8.60 -1.29
CA GLY A 60 -18.38 -7.29 -0.75
C GLY A 60 -19.55 -6.54 -0.14
N TYR A 61 -20.81 -6.92 -0.45
CA TYR A 61 -22.00 -6.23 0.05
C TYR A 61 -22.15 -6.22 1.58
N GLY A 62 -22.10 -7.40 2.17
CA GLY A 62 -22.29 -7.56 3.60
C GLY A 62 -23.39 -8.55 3.87
N LYS A 63 -23.18 -9.81 3.44
CA LYS A 63 -24.15 -10.87 3.60
C LYS A 63 -24.20 -11.40 5.04
N SER A 64 -23.08 -11.36 5.79
CA SER A 64 -22.98 -11.88 7.16
C SER A 64 -23.94 -11.25 8.16
N LEU A 65 -24.13 -9.93 8.08
CA LEU A 65 -25.02 -9.22 9.00
C LEU A 65 -26.46 -9.73 8.92
N CYS A 66 -26.92 -10.14 7.73
CA CYS A 66 -28.27 -10.66 7.51
C CYS A 66 -28.60 -11.83 8.45
N PHE A 67 -27.61 -12.66 8.78
CA PHE A 67 -27.86 -13.80 9.66
C PHE A 67 -27.23 -13.64 11.05
N GLN A 68 -26.22 -12.78 11.21
CA GLN A 68 -25.59 -12.61 12.51
C GLN A 68 -26.34 -11.61 13.37
N TYR A 69 -26.82 -10.53 12.76
CA TYR A 69 -27.46 -9.47 13.52
C TYR A 69 -28.80 -9.88 14.20
N PRO A 70 -29.81 -10.46 13.50
CA PRO A 70 -31.08 -10.76 14.19
C PRO A 70 -30.98 -11.53 15.52
N PRO A 71 -30.25 -12.68 15.67
CA PRO A 71 -30.19 -13.32 17.00
C PRO A 71 -29.45 -12.52 18.06
N VAL A 72 -28.54 -11.62 17.64
CA VAL A 72 -27.80 -10.77 18.57
C VAL A 72 -28.75 -9.72 19.16
N TYR A 73 -29.61 -9.13 18.33
CA TYR A 73 -30.56 -8.13 18.78
C TYR A 73 -31.63 -8.69 19.73
N VAL A 74 -32.19 -9.86 19.42
CA VAL A 74 -33.23 -10.46 20.26
C VAL A 74 -32.68 -11.38 21.38
N GLY A 75 -31.37 -11.58 21.44
CA GLY A 75 -30.76 -12.43 22.46
C GLY A 75 -31.12 -13.90 22.35
N LYS A 76 -31.36 -14.39 21.13
CA LYS A 76 -31.73 -15.78 20.86
C LYS A 76 -30.68 -16.50 19.97
N ILE A 77 -31.00 -17.68 19.40
CA ILE A 77 -30.06 -18.44 18.57
C ILE A 77 -30.25 -18.27 17.07
N GLY A 78 -29.14 -18.12 16.36
CA GLY A 78 -29.10 -18.05 14.90
C GLY A 78 -28.28 -19.24 14.46
N LEU A 79 -28.86 -20.10 13.63
CA LEU A 79 -28.19 -21.31 13.20
C LEU A 79 -27.55 -21.11 11.82
N VAL A 80 -26.22 -21.20 11.71
CA VAL A 80 -25.54 -21.03 10.42
C VAL A 80 -25.06 -22.38 9.89
N ILE A 81 -25.63 -22.84 8.77
CA ILE A 81 -25.30 -24.13 8.19
C ILE A 81 -24.35 -23.99 7.03
N SER A 82 -23.30 -24.83 7.07
CA SER A 82 -22.25 -24.92 6.06
C SER A 82 -21.41 -26.19 6.26
N PRO A 83 -20.99 -26.85 5.18
CA PRO A 83 -20.08 -28.02 5.35
C PRO A 83 -18.62 -27.61 5.61
N LEU A 84 -18.26 -26.34 5.37
CA LEU A 84 -16.90 -25.83 5.50
C LEU A 84 -16.52 -25.56 6.95
N ILE A 85 -16.25 -26.61 7.73
CA ILE A 85 -15.85 -26.45 9.13
C ILE A 85 -14.54 -25.66 9.22
N SER A 86 -13.61 -25.96 8.31
CA SER A 86 -12.32 -25.29 8.21
C SER A 86 -12.42 -23.75 8.24
N LEU A 87 -13.56 -23.17 7.78
CA LEU A 87 -13.79 -21.72 7.73
C LEU A 87 -14.66 -21.15 8.86
N MET A 88 -15.22 -22.01 9.69
CA MET A 88 -16.09 -21.59 10.80
C MET A 88 -15.31 -21.02 11.96
N GLU A 89 -14.06 -21.47 12.18
CA GLU A 89 -13.25 -20.95 13.28
C GLU A 89 -13.04 -19.47 13.16
N ASP A 90 -12.73 -18.97 11.95
CA ASP A 90 -12.49 -17.54 11.79
C ASP A 90 -13.74 -16.73 12.06
N GLN A 91 -14.91 -17.23 11.64
CA GLN A 91 -16.17 -16.52 11.89
C GLN A 91 -16.49 -16.51 13.38
N VAL A 92 -16.34 -17.66 14.04
CA VAL A 92 -16.59 -17.80 15.47
C VAL A 92 -15.61 -16.93 16.27
N LEU A 93 -14.32 -16.99 15.93
CA LEU A 93 -13.29 -16.21 16.58
C LEU A 93 -13.54 -14.72 16.40
N GLN A 94 -13.94 -14.29 15.19
CA GLN A 94 -14.25 -12.88 14.94
C GLN A 94 -15.44 -12.44 15.76
N LEU A 95 -16.50 -13.26 15.84
CA LEU A 95 -17.68 -12.96 16.64
C LEU A 95 -17.31 -12.82 18.12
N LYS A 96 -16.54 -13.76 18.68
CA LYS A 96 -16.12 -13.69 20.08
C LYS A 96 -15.30 -12.42 20.37
N MET A 97 -14.54 -11.92 19.38
CA MET A 97 -13.77 -10.68 19.54
C MET A 97 -14.66 -9.42 19.55
N SER A 98 -15.86 -9.50 18.96
CA SER A 98 -16.84 -8.42 18.99
C SER A 98 -17.82 -8.60 20.18
N ASN A 99 -17.45 -9.44 21.17
CA ASN A 99 -18.24 -9.78 22.35
C ASN A 99 -19.59 -10.40 22.01
N ILE A 100 -19.63 -11.22 20.95
CA ILE A 100 -20.82 -11.94 20.56
C ILE A 100 -20.54 -13.41 20.83
N PRO A 101 -21.24 -14.01 21.80
CA PRO A 101 -21.00 -15.45 22.07
C PRO A 101 -21.35 -16.31 20.86
N ALA A 102 -20.40 -17.10 20.38
CA ALA A 102 -20.61 -17.95 19.21
C ALA A 102 -19.79 -19.22 19.31
N CYS A 103 -20.24 -20.29 18.64
CA CYS A 103 -19.51 -21.55 18.66
C CYS A 103 -19.84 -22.43 17.47
N PHE A 104 -19.06 -23.49 17.29
CA PHE A 104 -19.29 -24.51 16.31
C PHE A 104 -19.94 -25.67 17.09
N LEU A 105 -21.00 -26.25 16.52
CA LEU A 105 -21.62 -27.42 17.11
C LEU A 105 -21.43 -28.56 16.15
N GLY A 106 -20.84 -29.64 16.65
CA GLY A 106 -20.54 -30.80 15.85
C GLY A 106 -20.38 -32.07 16.66
N SER A 107 -20.10 -33.19 15.96
CA SER A 107 -19.91 -34.51 16.57
C SER A 107 -18.66 -34.56 17.49
N ALA A 108 -17.63 -33.79 17.13
CA ALA A 108 -16.40 -33.74 17.90
C ALA A 108 -16.38 -32.60 18.94
N GLN A 109 -17.51 -31.93 19.16
CA GLN A 109 -17.61 -30.87 20.16
C GLN A 109 -17.90 -31.46 21.56
N SER A 110 -17.38 -30.82 22.62
CA SER A 110 -17.59 -31.26 24.00
C SER A 110 -19.06 -31.19 24.42
N GLU A 111 -19.44 -31.97 25.45
CA GLU A 111 -20.80 -31.95 25.98
C GLU A 111 -21.14 -30.66 26.68
N ASN A 112 -20.13 -29.97 27.27
CA ASN A 112 -20.35 -28.70 27.96
C ASN A 112 -20.73 -27.57 27.01
N VAL A 113 -20.26 -27.63 25.76
CA VAL A 113 -20.66 -26.63 24.76
C VAL A 113 -22.13 -26.85 24.37
N LEU A 114 -22.55 -28.11 24.19
CA LEU A 114 -23.94 -28.43 23.86
C LEU A 114 -24.90 -28.05 25.01
N THR A 115 -24.48 -28.25 26.27
CA THR A 115 -25.29 -27.87 27.43
C THR A 115 -25.44 -26.35 27.47
N ASP A 116 -24.34 -25.61 27.16
CA ASP A 116 -24.36 -24.15 27.12
C ASP A 116 -25.23 -23.61 25.97
N ILE A 117 -25.34 -24.36 24.87
CA ILE A 117 -26.20 -23.99 23.73
C ILE A 117 -27.65 -24.11 24.19
N LYS A 118 -27.99 -25.23 24.87
CA LYS A 118 -29.33 -25.48 25.43
C LYS A 118 -29.70 -24.46 26.51
N LEU A 119 -28.70 -23.92 27.22
CA LEU A 119 -28.94 -22.89 28.24
C LEU A 119 -29.03 -21.45 27.67
N GLY A 120 -28.88 -21.30 26.35
CA GLY A 120 -28.96 -20.02 25.66
C GLY A 120 -27.75 -19.14 25.82
N LYS A 121 -26.57 -19.74 26.01
CA LYS A 121 -25.34 -18.96 26.17
C LYS A 121 -24.70 -18.53 24.83
N TYR A 122 -25.14 -19.10 23.69
CA TYR A 122 -24.58 -18.73 22.40
C TYR A 122 -25.58 -18.07 21.44
N ARG A 123 -25.18 -16.94 20.83
CA ARG A 123 -26.03 -16.22 19.88
C ARG A 123 -25.97 -16.85 18.49
N ILE A 124 -24.77 -17.24 18.03
CA ILE A 124 -24.62 -17.82 16.70
C ILE A 124 -24.00 -19.21 16.79
N VAL A 125 -24.71 -20.21 16.28
CA VAL A 125 -24.24 -21.59 16.31
C VAL A 125 -23.97 -22.09 14.88
N TYR A 126 -22.70 -22.40 14.58
CA TYR A 126 -22.29 -22.90 13.26
C TYR A 126 -22.38 -24.40 13.27
N VAL A 127 -23.04 -24.97 12.29
CA VAL A 127 -23.25 -26.43 12.24
C VAL A 127 -23.16 -26.90 10.78
N THR A 128 -22.89 -28.20 10.55
CA THR A 128 -22.84 -28.74 9.19
C THR A 128 -24.21 -29.27 8.78
N PRO A 129 -24.46 -29.43 7.46
CA PRO A 129 -25.73 -30.04 7.03
C PRO A 129 -25.87 -31.47 7.57
N GLU A 130 -24.76 -32.22 7.66
CA GLU A 130 -24.71 -33.58 8.17
C GLU A 130 -25.13 -33.68 9.62
N TYR A 131 -24.67 -32.74 10.45
CA TYR A 131 -25.03 -32.74 11.87
C TYR A 131 -26.53 -32.44 12.02
N CYS A 132 -27.06 -31.49 11.23
CA CYS A 132 -28.47 -31.12 11.24
C CYS A 132 -29.37 -32.32 10.97
N SER A 133 -29.05 -33.12 9.95
CA SER A 133 -29.84 -34.25 9.58
C SER A 133 -29.93 -35.30 10.68
N GLY A 134 -28.82 -35.52 11.39
CA GLY A 134 -28.78 -36.51 12.46
C GLY A 134 -29.28 -36.04 13.81
N ASN A 135 -29.48 -34.72 13.97
CA ASN A 135 -29.90 -34.16 15.25
C ASN A 135 -31.11 -33.21 15.14
N MET A 136 -32.11 -33.56 14.33
CA MET A 136 -33.31 -32.72 14.16
C MET A 136 -34.09 -32.54 15.46
N GLY A 137 -34.10 -33.57 16.30
CA GLY A 137 -34.78 -33.53 17.59
C GLY A 137 -34.19 -32.47 18.50
N LEU A 138 -32.85 -32.37 18.51
CA LEU A 138 -32.10 -31.37 19.28
C LEU A 138 -32.50 -29.97 18.80
N LEU A 139 -32.59 -29.78 17.47
CA LEU A 139 -32.97 -28.50 16.87
C LEU A 139 -34.38 -28.10 17.25
N GLN A 140 -35.31 -29.06 17.30
CA GLN A 140 -36.70 -28.79 17.70
C GLN A 140 -36.78 -28.41 19.18
N GLN A 141 -35.97 -29.06 20.02
CA GLN A 141 -35.88 -28.79 21.45
C GLN A 141 -35.35 -27.37 21.67
N LEU A 142 -34.31 -27.00 20.91
CA LEU A 142 -33.66 -25.69 20.93
C LEU A 142 -34.65 -24.58 20.56
N GLU A 143 -35.48 -24.82 19.55
CA GLU A 143 -36.48 -23.85 19.14
C GLU A 143 -37.58 -23.71 20.20
N ALA A 144 -38.08 -24.83 20.75
CA ALA A 144 -39.12 -24.78 21.77
C ALA A 144 -38.67 -24.10 23.08
N ASP A 145 -37.47 -24.44 23.57
CA ASP A 145 -36.95 -23.90 24.84
C ASP A 145 -36.29 -22.52 24.74
N ILE A 146 -35.47 -22.29 23.70
CA ILE A 146 -34.75 -21.02 23.57
C ILE A 146 -35.31 -20.15 22.46
N GLY A 147 -35.53 -20.75 21.29
CA GLY A 147 -36.04 -20.05 20.13
C GLY A 147 -34.96 -19.80 19.10
N ILE A 148 -35.17 -20.25 17.86
CA ILE A 148 -34.20 -20.03 16.79
C ILE A 148 -34.73 -18.90 15.91
N THR A 149 -34.06 -17.76 15.96
CA THR A 149 -34.41 -16.56 15.20
C THR A 149 -34.38 -16.84 13.69
N LEU A 150 -33.37 -17.59 13.23
CA LEU A 150 -33.24 -17.92 11.81
C LEU A 150 -32.25 -19.05 11.57
N ILE A 151 -32.35 -19.66 10.38
CA ILE A 151 -31.41 -20.66 9.90
C ILE A 151 -30.80 -20.07 8.63
N ALA A 152 -29.49 -19.92 8.58
CA ALA A 152 -28.80 -19.38 7.41
C ALA A 152 -28.14 -20.48 6.62
N VAL A 153 -28.33 -20.48 5.30
CA VAL A 153 -27.69 -21.47 4.45
C VAL A 153 -26.99 -20.78 3.30
N ASP A 154 -25.66 -20.93 3.16
CA ASP A 154 -24.99 -20.39 1.97
C ASP A 154 -24.76 -21.50 0.98
N GLU A 155 -25.37 -21.35 -0.21
CA GLU A 155 -25.27 -22.26 -1.34
C GLU A 155 -23.83 -22.31 -1.90
N ALA A 156 -23.09 -21.17 -1.88
CA ALA A 156 -21.70 -21.12 -2.35
C ALA A 156 -20.75 -21.98 -1.48
N HIS A 157 -21.09 -22.11 -0.18
CA HIS A 157 -20.33 -22.94 0.75
C HIS A 157 -20.46 -24.45 0.46
N CYS A 158 -21.50 -24.85 -0.30
CA CYS A 158 -21.74 -26.27 -0.64
C CYS A 158 -21.32 -26.58 -2.08
N PHE A 166 -24.84 -26.96 -3.34
CA PHE A 166 -25.14 -28.15 -4.12
C PHE A 166 -26.42 -28.85 -3.62
N ARG A 167 -27.14 -29.49 -4.56
CA ARG A 167 -28.41 -30.16 -4.31
C ARG A 167 -28.31 -31.41 -3.40
N ASP A 168 -27.17 -32.13 -3.46
CA ASP A 168 -26.96 -33.34 -2.65
C ASP A 168 -26.79 -33.02 -1.16
N SER A 169 -26.15 -31.89 -0.84
CA SER A 169 -25.98 -31.43 0.54
C SER A 169 -27.29 -30.79 1.07
N PHE A 170 -28.05 -30.15 0.16
CA PHE A 170 -29.35 -29.56 0.48
C PHE A 170 -30.44 -30.61 0.62
N ARG A 171 -30.25 -31.85 0.09
CA ARG A 171 -31.21 -32.93 0.23
C ARG A 171 -31.40 -33.31 1.71
N LYS A 172 -30.36 -33.14 2.54
CA LYS A 172 -30.42 -33.40 3.98
C LYS A 172 -31.15 -32.27 4.76
N LEU A 173 -31.31 -31.10 4.14
CA LEU A 173 -31.92 -29.91 4.71
C LEU A 173 -33.39 -29.69 4.33
N GLY A 174 -33.96 -30.58 3.51
CA GLY A 174 -35.35 -30.49 3.09
C GLY A 174 -36.33 -30.73 4.23
N SER A 175 -35.89 -31.47 5.26
CA SER A 175 -36.72 -31.71 6.43
C SER A 175 -36.69 -30.56 7.44
N LEU A 176 -35.91 -29.48 7.19
CA LEU A 176 -35.82 -28.34 8.09
C LEU A 176 -37.12 -27.55 8.18
N LYS A 177 -37.73 -27.20 7.04
CA LYS A 177 -39.00 -26.46 7.07
C LYS A 177 -40.15 -27.29 7.60
N THR A 178 -40.07 -28.62 7.51
CA THR A 178 -41.12 -29.49 8.02
C THR A 178 -41.02 -29.63 9.55
N ALA A 179 -39.78 -29.73 10.06
CA ALA A 179 -39.53 -29.88 11.49
C ALA A 179 -39.63 -28.55 12.25
N LEU A 180 -39.20 -27.45 11.61
CA LEU A 180 -39.20 -26.11 12.20
C LEU A 180 -39.93 -25.16 11.24
N PRO A 181 -41.28 -25.26 11.17
CA PRO A 181 -42.03 -24.42 10.22
C PRO A 181 -42.04 -22.93 10.57
N MET A 182 -41.92 -22.60 11.86
CA MET A 182 -41.91 -21.21 12.31
C MET A 182 -40.54 -20.53 12.22
N VAL A 183 -39.47 -21.29 11.93
CA VAL A 183 -38.13 -20.74 11.84
C VAL A 183 -37.79 -20.36 10.41
N PRO A 184 -37.58 -19.05 10.16
CA PRO A 184 -37.28 -18.62 8.79
C PRO A 184 -35.88 -19.02 8.32
N ILE A 185 -35.77 -19.33 7.02
CA ILE A 185 -34.49 -19.70 6.45
C ILE A 185 -33.97 -18.60 5.52
N VAL A 186 -32.76 -18.13 5.78
CA VAL A 186 -32.11 -17.12 4.94
C VAL A 186 -31.12 -17.87 4.05
N ALA A 187 -31.49 -18.11 2.79
CA ALA A 187 -30.63 -18.82 1.86
C ALA A 187 -29.87 -17.81 1.03
N LEU A 188 -28.54 -17.84 1.13
CA LEU A 188 -27.68 -16.91 0.41
C LEU A 188 -27.05 -17.65 -0.81
N THR A 189 -27.02 -17.01 -1.99
CA THR A 189 -26.46 -17.65 -3.19
C THR A 189 -25.49 -16.73 -3.93
N ALA A 190 -24.44 -17.29 -4.54
CA ALA A 190 -23.44 -16.51 -5.29
C ALA A 190 -23.75 -16.32 -6.79
N THR A 191 -24.87 -16.89 -7.25
CA THR A 191 -25.27 -16.83 -8.65
C THR A 191 -26.66 -16.19 -8.84
N ALA A 192 -26.82 -15.43 -9.94
CA ALA A 192 -28.11 -14.82 -10.31
C ALA A 192 -28.97 -15.76 -11.17
N SER A 193 -28.56 -17.04 -11.32
CA SER A 193 -29.24 -18.07 -12.08
C SER A 193 -30.64 -18.31 -11.51
N SER A 194 -31.65 -18.14 -12.36
CA SER A 194 -33.04 -18.31 -11.97
C SER A 194 -33.38 -19.76 -11.65
N SER A 195 -32.72 -20.72 -12.31
CA SER A 195 -32.96 -22.14 -12.08
C SER A 195 -32.33 -22.58 -10.75
N ILE A 196 -31.17 -22.01 -10.39
CA ILE A 196 -30.52 -22.30 -9.11
C ILE A 196 -31.38 -21.73 -7.97
N ARG A 197 -31.98 -20.54 -8.18
CA ARG A 197 -32.87 -19.90 -7.21
C ARG A 197 -34.10 -20.79 -6.97
N GLU A 198 -34.66 -21.37 -8.04
CA GLU A 198 -35.82 -22.26 -7.90
C GLU A 198 -35.42 -23.59 -7.27
N ASP A 199 -34.18 -24.08 -7.54
CA ASP A 199 -33.64 -25.30 -6.94
C ASP A 199 -33.47 -25.14 -5.44
N ILE A 200 -32.94 -23.99 -4.98
CA ILE A 200 -32.75 -23.77 -3.54
C ILE A 200 -34.11 -23.57 -2.84
N VAL A 201 -35.11 -23.02 -3.54
CA VAL A 201 -36.45 -22.85 -2.98
C VAL A 201 -37.12 -24.23 -2.78
N ARG A 202 -37.05 -25.14 -3.76
CA ARG A 202 -37.65 -26.47 -3.62
C ARG A 202 -36.86 -27.40 -2.70
N CYS A 203 -35.51 -27.33 -2.75
CA CYS A 203 -34.64 -28.16 -1.90
C CYS A 203 -34.89 -27.89 -0.42
N LEU A 204 -35.02 -26.61 -0.04
CA LEU A 204 -35.24 -26.27 1.36
C LEU A 204 -36.72 -26.07 1.71
N ASN A 205 -37.66 -26.35 0.78
CA ASN A 205 -39.10 -26.20 0.96
C ASN A 205 -39.48 -24.82 1.53
N LEU A 206 -38.99 -23.74 0.92
CA LEU A 206 -39.28 -22.39 1.40
C LEU A 206 -40.72 -21.97 1.12
N ARG A 207 -41.29 -21.20 2.03
CA ARG A 207 -42.67 -20.76 1.91
C ARG A 207 -42.74 -19.26 1.67
N ASN A 208 -43.21 -18.86 0.45
CA ASN A 208 -43.33 -17.47 -0.02
C ASN A 208 -42.09 -16.63 0.36
N PRO A 209 -40.88 -17.05 -0.06
CA PRO A 209 -39.69 -16.31 0.35
C PRO A 209 -39.55 -14.94 -0.28
N GLN A 210 -38.98 -14.00 0.49
CA GLN A 210 -38.70 -12.67 -0.04
C GLN A 210 -37.44 -12.85 -0.87
N ILE A 211 -37.51 -12.48 -2.15
CA ILE A 211 -36.36 -12.62 -3.03
C ILE A 211 -35.73 -11.24 -3.20
N THR A 212 -34.45 -11.13 -2.85
CA THR A 212 -33.70 -9.88 -2.97
C THR A 212 -32.37 -10.11 -3.72
N CYS A 213 -31.77 -9.05 -4.25
N CYS A 213 -31.77 -9.06 -4.25
CA CYS A 213 -30.50 -9.14 -4.98
CA CYS A 213 -30.47 -9.16 -4.93
C CYS A 213 -29.57 -7.98 -4.59
C CYS A 213 -29.57 -7.99 -4.55
N THR A 214 -28.25 -8.24 -4.47
CA THR A 214 -27.33 -7.19 -4.07
C THR A 214 -26.26 -6.80 -5.11
N GLY A 215 -26.55 -6.96 -6.39
CA GLY A 215 -25.63 -6.57 -7.46
C GLY A 215 -25.25 -5.10 -7.43
N PHE A 216 -23.95 -4.84 -7.44
CA PHE A 216 -23.44 -3.49 -7.34
C PHE A 216 -22.07 -3.39 -8.00
N ASP A 217 -21.72 -2.17 -8.39
CA ASP A 217 -20.42 -1.88 -8.94
C ASP A 217 -19.45 -1.70 -7.77
N ARG A 218 -18.20 -2.06 -7.93
CA ARG A 218 -17.17 -1.82 -6.93
C ARG A 218 -16.36 -0.75 -7.62
N PRO A 219 -16.69 0.53 -7.40
CA PRO A 219 -16.09 1.60 -8.22
C PRO A 219 -14.61 1.90 -8.00
N ASN A 220 -14.06 1.46 -6.86
CA ASN A 220 -12.65 1.62 -6.52
C ASN A 220 -11.77 0.55 -7.17
N LEU A 221 -12.32 -0.32 -8.03
CA LEU A 221 -11.58 -1.36 -8.69
C LEU A 221 -11.33 -0.97 -10.12
N TYR A 222 -10.09 -0.64 -10.46
CA TYR A 222 -9.69 -0.34 -11.82
C TYR A 222 -9.58 -1.69 -12.54
N LEU A 223 -10.09 -1.79 -13.77
CA LEU A 223 -10.10 -3.03 -14.53
C LEU A 223 -9.22 -2.99 -15.77
N GLU A 224 -8.46 -4.06 -16.01
CA GLU A 224 -7.60 -4.12 -17.18
C GLU A 224 -7.44 -5.53 -17.66
N VAL A 225 -7.35 -5.71 -18.97
CA VAL A 225 -7.14 -7.00 -19.58
C VAL A 225 -5.92 -6.89 -20.50
N ARG A 226 -5.01 -7.85 -20.42
CA ARG A 226 -3.87 -7.87 -21.32
C ARG A 226 -3.54 -9.30 -21.73
N ARG A 227 -2.84 -9.43 -22.86
CA ARG A 227 -2.49 -10.72 -23.40
C ARG A 227 -1.24 -11.24 -22.75
N LYS A 228 -1.19 -12.54 -22.54
CA LYS A 228 -0.03 -13.22 -21.99
C LYS A 228 1.04 -13.28 -23.08
N THR A 229 2.31 -13.14 -22.68
CA THR A 229 3.45 -13.15 -23.58
C THR A 229 4.15 -14.50 -23.72
N GLY A 230 3.72 -15.52 -22.97
CA GLY A 230 4.37 -16.82 -22.99
C GLY A 230 5.48 -16.98 -21.96
N ASN A 231 5.67 -15.97 -21.09
CA ASN A 231 6.72 -15.95 -20.08
C ASN A 231 6.18 -15.31 -18.80
N ILE A 232 6.17 -16.07 -17.70
CA ILE A 232 5.62 -15.64 -16.42
C ILE A 232 6.27 -14.36 -15.88
N LEU A 233 7.60 -14.29 -15.82
CA LEU A 233 8.27 -13.10 -15.31
C LEU A 233 8.07 -11.90 -16.21
N GLN A 234 8.00 -12.11 -17.52
CA GLN A 234 7.76 -11.03 -18.46
C GLN A 234 6.32 -10.51 -18.29
N ASP A 235 5.35 -11.40 -18.02
CA ASP A 235 3.95 -11.05 -17.78
C ASP A 235 3.77 -10.30 -16.46
N LEU A 236 4.47 -10.72 -15.38
CA LEU A 236 4.28 -10.13 -14.06
C LEU A 236 5.21 -8.98 -13.71
N GLN A 237 6.32 -8.83 -14.44
CA GLN A 237 7.29 -7.74 -14.25
C GLN A 237 6.67 -6.33 -14.22
N PRO A 238 5.72 -5.99 -15.13
CA PRO A 238 5.12 -4.65 -15.08
C PRO A 238 4.37 -4.33 -13.78
N PHE A 239 4.00 -5.35 -13.00
CA PHE A 239 3.32 -5.14 -11.71
C PHE A 239 4.26 -4.88 -10.54
N LEU A 240 5.55 -5.15 -10.74
CA LEU A 240 6.54 -5.00 -9.71
C LEU A 240 7.21 -3.64 -9.68
N VAL A 241 7.48 -3.17 -8.48
CA VAL A 241 8.22 -1.95 -8.19
C VAL A 241 9.56 -2.31 -7.54
N LYS A 242 10.53 -1.42 -7.60
CA LYS A 242 11.82 -1.66 -6.98
C LYS A 242 11.93 -0.73 -5.79
N THR A 243 11.89 -1.29 -4.58
CA THR A 243 12.00 -0.48 -3.37
C THR A 243 13.43 -0.57 -2.94
N SER A 244 14.17 0.49 -3.28
CA SER A 244 15.61 0.61 -3.13
C SER A 244 16.21 -0.39 -4.13
N SER A 245 16.63 -1.57 -3.68
CA SER A 245 17.18 -2.59 -4.56
C SER A 245 16.25 -3.79 -4.72
N HIS A 246 15.24 -3.94 -3.85
CA HIS A 246 14.36 -5.11 -3.82
C HIS A 246 13.10 -5.02 -4.68
N TRP A 247 12.82 -6.05 -5.49
CA TRP A 247 11.60 -6.12 -6.27
C TRP A 247 10.43 -6.53 -5.40
N GLU A 248 9.29 -5.87 -5.57
CA GLU A 248 8.09 -6.26 -4.83
C GLU A 248 6.83 -5.72 -5.49
N PHE A 249 5.66 -6.15 -5.02
CA PHE A 249 4.39 -5.63 -5.49
C PHE A 249 4.09 -4.29 -4.81
N GLU A 250 3.19 -3.50 -5.38
CA GLU A 250 2.79 -2.22 -4.79
C GLU A 250 2.11 -2.38 -3.42
N GLY A 251 1.36 -3.46 -3.27
CA GLY A 251 0.66 -3.78 -2.04
C GLY A 251 0.21 -5.23 -2.01
N PRO A 252 -0.63 -5.58 -1.01
CA PRO A 252 -1.15 -6.97 -0.93
C PRO A 252 -1.81 -7.43 -2.22
N THR A 253 -1.36 -8.56 -2.73
CA THR A 253 -1.82 -9.05 -4.03
C THR A 253 -2.26 -10.50 -4.04
N ILE A 254 -3.31 -10.81 -4.81
CA ILE A 254 -3.72 -12.18 -5.03
C ILE A 254 -3.55 -12.46 -6.52
N ILE A 255 -2.87 -13.56 -6.87
CA ILE A 255 -2.76 -14.01 -8.24
C ILE A 255 -3.54 -15.30 -8.35
N TYR A 256 -4.62 -15.32 -9.15
CA TYR A 256 -5.45 -16.51 -9.36
C TYR A 256 -4.97 -17.31 -10.55
N CYS A 257 -4.74 -18.60 -10.35
CA CYS A 257 -4.30 -19.51 -11.39
C CYS A 257 -5.36 -20.58 -11.64
N PRO A 258 -5.47 -21.08 -12.88
CA PRO A 258 -6.52 -22.08 -13.17
C PRO A 258 -6.24 -23.47 -12.62
N SER A 259 -5.00 -23.73 -12.18
CA SER A 259 -4.62 -25.02 -11.66
C SER A 259 -3.60 -24.92 -10.52
N ARG A 260 -3.50 -26.00 -9.73
CA ARG A 260 -2.54 -26.14 -8.64
C ARG A 260 -1.11 -26.07 -9.22
N LYS A 261 -0.89 -26.70 -10.37
CA LYS A 261 0.40 -26.75 -11.02
C LYS A 261 0.83 -25.37 -11.50
N MET A 262 -0.11 -24.54 -11.97
CA MET A 262 0.20 -23.18 -12.42
C MET A 262 0.58 -22.31 -11.20
N THR A 263 -0.08 -22.50 -10.03
CA THR A 263 0.27 -21.76 -8.81
C THR A 263 1.72 -22.05 -8.41
N GLN A 264 2.16 -23.30 -8.57
CA GLN A 264 3.52 -23.71 -8.27
C GLN A 264 4.53 -23.06 -9.23
N GLN A 265 4.24 -23.04 -10.55
CA GLN A 265 5.06 -22.42 -11.61
C GLN A 265 5.23 -20.92 -11.33
N VAL A 266 4.10 -20.19 -11.11
CA VAL A 266 4.13 -18.77 -10.86
C VAL A 266 4.94 -18.48 -9.57
N THR A 267 4.70 -19.23 -8.48
CA THR A 267 5.42 -19.03 -7.23
C THR A 267 6.90 -19.24 -7.38
N GLY A 268 7.29 -20.29 -8.11
CA GLY A 268 8.69 -20.59 -8.36
C GLY A 268 9.40 -19.46 -9.11
N GLU A 269 8.71 -18.86 -10.08
CA GLU A 269 9.26 -17.73 -10.81
C GLU A 269 9.38 -16.50 -9.94
N LEU A 270 8.33 -16.19 -9.15
CA LEU A 270 8.36 -15.03 -8.26
C LEU A 270 9.41 -15.15 -7.17
N ARG A 271 9.69 -16.38 -6.72
CA ARG A 271 10.71 -16.58 -5.70
C ARG A 271 12.14 -16.37 -6.24
N LYS A 272 12.34 -16.46 -7.57
CA LYS A 272 13.64 -16.14 -8.17
C LYS A 272 13.99 -14.64 -7.98
N LEU A 273 12.96 -13.79 -7.79
CA LEU A 273 13.06 -12.35 -7.54
C LEU A 273 13.03 -12.01 -6.00
N ASN A 274 13.06 -13.04 -5.14
N ASN A 274 13.09 -13.01 -5.13
CA ASN A 274 13.02 -13.01 -3.68
CA ASN A 274 13.01 -12.83 -3.67
C ASN A 274 11.76 -12.33 -3.13
C ASN A 274 11.74 -12.09 -3.26
N LEU A 275 10.63 -12.49 -3.86
CA LEU A 275 9.33 -11.93 -3.52
C LEU A 275 8.69 -12.74 -2.40
N SER A 276 8.04 -12.07 -1.47
CA SER A 276 7.37 -12.65 -0.33
C SER A 276 6.06 -13.28 -0.79
N CYS A 277 6.03 -14.61 -0.96
CA CYS A 277 4.91 -15.38 -1.50
C CYS A 277 4.39 -16.46 -0.61
N GLY A 278 3.17 -16.86 -0.91
CA GLY A 278 2.49 -17.98 -0.29
C GLY A 278 1.61 -18.60 -1.35
N THR A 279 1.73 -19.91 -1.54
CA THR A 279 0.91 -20.64 -2.49
C THR A 279 -0.29 -21.18 -1.72
N TYR A 280 -1.46 -21.20 -2.36
CA TYR A 280 -2.67 -21.69 -1.72
C TYR A 280 -3.50 -22.49 -2.72
N HIS A 281 -3.71 -23.77 -2.43
CA HIS A 281 -4.56 -24.64 -3.27
C HIS A 281 -5.06 -25.84 -2.47
N ALA A 282 -6.09 -26.55 -2.96
CA ALA A 282 -6.67 -27.67 -2.21
C ALA A 282 -5.79 -28.92 -2.12
N GLY A 283 -4.65 -28.93 -2.80
CA GLY A 283 -3.70 -30.04 -2.70
C GLY A 283 -2.90 -29.96 -1.40
N MET A 284 -2.84 -28.77 -0.80
CA MET A 284 -2.19 -28.54 0.47
C MET A 284 -3.20 -28.88 1.56
N SER A 285 -2.73 -29.29 2.73
CA SER A 285 -3.63 -29.59 3.85
C SER A 285 -4.36 -28.32 4.33
N PHE A 286 -5.43 -28.47 5.12
CA PHE A 286 -6.12 -27.33 5.72
C PHE A 286 -5.18 -26.53 6.62
N SER A 287 -4.24 -27.21 7.29
CA SER A 287 -3.26 -26.61 8.19
C SER A 287 -2.27 -25.70 7.43
N THR A 288 -1.75 -26.17 6.29
CA THR A 288 -0.83 -25.39 5.46
C THR A 288 -1.55 -24.19 4.82
N ARG A 289 -2.79 -24.41 4.35
CA ARG A 289 -3.65 -23.40 3.75
C ARG A 289 -3.99 -22.30 4.74
N LYS A 290 -4.42 -22.66 5.96
N LYS A 290 -4.41 -22.68 5.96
CA LYS A 290 -4.75 -21.69 7.00
CA LYS A 290 -4.72 -21.77 7.07
C LYS A 290 -3.50 -20.91 7.43
C LYS A 290 -3.49 -20.93 7.41
N ASP A 291 -2.32 -21.54 7.38
CA ASP A 291 -1.08 -20.84 7.70
C ASP A 291 -0.82 -19.74 6.66
N ILE A 292 -0.93 -20.05 5.35
CA ILE A 292 -0.75 -19.10 4.26
C ILE A 292 -1.75 -17.94 4.34
N HIS A 293 -3.01 -18.27 4.58
CA HIS A 293 -4.05 -17.27 4.67
C HIS A 293 -3.80 -16.28 5.81
N HIS A 294 -3.43 -16.80 6.97
CA HIS A 294 -3.21 -15.98 8.13
C HIS A 294 -1.92 -15.14 8.01
N ARG A 295 -0.91 -15.67 7.31
CA ARG A 295 0.31 -14.91 7.05
C ARG A 295 0.02 -13.72 6.13
N PHE A 296 -0.93 -13.87 5.18
CA PHE A 296 -1.34 -12.81 4.26
C PHE A 296 -2.08 -11.73 5.04
N VAL A 297 -3.03 -12.11 5.88
CA VAL A 297 -3.78 -11.20 6.75
C VAL A 297 -2.85 -10.41 7.70
N ARG A 298 -1.84 -11.06 8.29
CA ARG A 298 -0.87 -10.41 9.17
C ARG A 298 0.22 -9.67 8.40
N ASP A 299 0.15 -9.60 7.05
CA ASP A 299 1.06 -8.94 6.13
C ASP A 299 2.48 -9.52 6.16
N GLU A 300 2.63 -10.79 6.60
CA GLU A 300 3.91 -11.51 6.59
C GLU A 300 4.28 -11.98 5.19
N ILE A 301 3.29 -12.12 4.31
CA ILE A 301 3.51 -12.39 2.91
C ILE A 301 2.79 -11.29 2.15
N GLN A 302 3.38 -10.85 1.05
CA GLN A 302 2.80 -9.78 0.24
C GLN A 302 1.87 -10.32 -0.85
N CYS A 303 2.11 -11.53 -1.32
CA CYS A 303 1.37 -12.11 -2.43
C CYS A 303 0.91 -13.52 -2.14
N VAL A 304 -0.35 -13.82 -2.46
CA VAL A 304 -0.89 -15.17 -2.37
C VAL A 304 -1.19 -15.63 -3.80
N ILE A 305 -0.55 -16.71 -4.26
CA ILE A 305 -0.81 -17.30 -5.57
C ILE A 305 -1.76 -18.46 -5.29
N ALA A 306 -3.00 -18.34 -5.75
CA ALA A 306 -4.05 -19.26 -5.39
C ALA A 306 -4.90 -19.80 -6.53
N THR A 307 -5.55 -20.93 -6.31
CA THR A 307 -6.63 -21.36 -7.18
C THR A 307 -7.90 -20.68 -6.56
N ILE A 308 -9.07 -20.83 -7.19
CA ILE A 308 -10.30 -20.23 -6.65
C ILE A 308 -10.65 -20.74 -5.23
N ALA A 309 -9.98 -21.80 -4.75
CA ALA A 309 -10.11 -22.31 -3.39
C ALA A 309 -9.88 -21.20 -2.34
N PHE A 310 -9.08 -20.16 -2.69
CA PHE A 310 -8.79 -19.00 -1.86
C PHE A 310 -9.76 -17.88 -2.24
N GLY A 311 -10.60 -17.48 -1.31
CA GLY A 311 -11.58 -16.43 -1.57
C GLY A 311 -12.60 -16.15 -0.47
N MET A 312 -13.20 -17.20 0.09
CA MET A 312 -14.23 -17.03 1.12
C MET A 312 -13.65 -16.63 2.47
N GLY A 313 -14.18 -15.57 3.06
CA GLY A 313 -13.74 -15.11 4.37
C GLY A 313 -12.27 -14.80 4.46
N ILE A 314 -11.70 -14.09 3.45
CA ILE A 314 -10.28 -13.72 3.51
C ILE A 314 -10.00 -12.81 4.71
N ASN A 315 -10.94 -11.95 5.12
N ASN A 315 -10.95 -11.94 5.09
CA ASN A 315 -10.74 -11.03 6.25
CA ASN A 315 -10.81 -11.01 6.20
C ASN A 315 -9.56 -10.08 6.01
C ASN A 315 -9.60 -10.09 6.02
N LYS A 316 -9.41 -9.63 4.76
CA LYS A 316 -8.37 -8.70 4.37
C LYS A 316 -8.98 -7.55 3.57
N ALA A 317 -9.07 -6.40 4.22
CA ALA A 317 -9.69 -5.22 3.65
C ALA A 317 -8.82 -4.49 2.64
N ASP A 318 -7.51 -4.65 2.72
CA ASP A 318 -6.59 -3.89 1.89
C ASP A 318 -5.92 -4.68 0.78
N ILE A 319 -6.70 -5.46 0.02
CA ILE A 319 -6.14 -6.15 -1.15
C ILE A 319 -6.07 -5.14 -2.26
N ARG A 320 -4.85 -4.77 -2.64
CA ARG A 320 -4.64 -3.73 -3.63
C ARG A 320 -4.64 -4.20 -5.07
N GLN A 321 -4.31 -5.46 -5.29
CA GLN A 321 -4.19 -5.96 -6.64
C GLN A 321 -4.65 -7.40 -6.74
N VAL A 322 -5.45 -7.69 -7.77
CA VAL A 322 -5.90 -9.02 -8.11
C VAL A 322 -5.44 -9.25 -9.54
N ILE A 323 -4.74 -10.37 -9.78
CA ILE A 323 -4.28 -10.70 -11.11
C ILE A 323 -4.84 -12.05 -11.44
N HIS A 324 -5.61 -12.18 -12.55
CA HIS A 324 -6.08 -13.47 -13.00
C HIS A 324 -5.03 -13.92 -14.00
N TYR A 325 -4.18 -14.88 -13.62
CA TYR A 325 -3.16 -15.39 -14.52
C TYR A 325 -3.78 -16.54 -15.31
N GLY A 326 -4.51 -16.17 -16.35
CA GLY A 326 -5.29 -17.06 -17.19
C GLY A 326 -6.72 -16.57 -17.26
N ALA A 327 -7.40 -16.75 -18.40
CA ALA A 327 -8.78 -16.28 -18.59
C ALA A 327 -9.72 -16.79 -17.51
N PRO A 328 -10.53 -15.91 -16.89
CA PRO A 328 -11.47 -16.39 -15.86
C PRO A 328 -12.49 -17.38 -16.44
N LYS A 329 -12.96 -18.32 -15.62
CA LYS A 329 -13.90 -19.38 -16.02
C LYS A 329 -15.14 -18.82 -16.73
N ASP A 330 -15.75 -17.80 -16.14
CA ASP A 330 -16.91 -17.13 -16.71
C ASP A 330 -17.08 -15.71 -16.11
N MET A 331 -17.91 -14.88 -16.74
CA MET A 331 -18.17 -13.50 -16.35
C MET A 331 -18.69 -13.37 -14.92
N GLU A 332 -19.62 -14.24 -14.53
CA GLU A 332 -20.18 -14.20 -13.19
C GLU A 332 -19.14 -14.57 -12.14
N SER A 333 -18.30 -15.57 -12.42
CA SER A 333 -17.20 -15.96 -11.53
C SER A 333 -16.18 -14.84 -11.38
N TYR A 334 -15.85 -14.16 -12.49
CA TYR A 334 -14.92 -13.04 -12.52
C TYR A 334 -15.41 -11.92 -11.59
N TYR A 335 -16.70 -11.52 -11.74
CA TYR A 335 -17.35 -10.50 -10.95
C TYR A 335 -17.26 -10.82 -9.46
N GLN A 336 -17.43 -12.07 -9.10
CA GLN A 336 -17.37 -12.50 -7.71
C GLN A 336 -15.94 -12.54 -7.15
N GLU A 337 -14.97 -13.01 -7.94
CA GLU A 337 -13.59 -13.10 -7.48
C GLU A 337 -12.86 -11.76 -7.30
N ILE A 338 -12.96 -10.83 -8.27
CA ILE A 338 -12.39 -9.48 -8.13
C ILE A 338 -13.01 -8.70 -6.94
N GLY A 339 -14.21 -9.07 -6.50
CA GLY A 339 -14.90 -8.46 -5.36
C GLY A 339 -14.17 -8.64 -4.04
N ARG A 340 -13.16 -9.51 -4.01
CA ARG A 340 -12.35 -9.70 -2.82
C ARG A 340 -11.29 -8.57 -2.65
N ALA A 341 -11.07 -7.72 -3.69
CA ALA A 341 -10.14 -6.60 -3.67
C ALA A 341 -10.80 -5.32 -3.13
N GLY A 342 -9.99 -4.46 -2.55
CA GLY A 342 -10.39 -3.14 -2.07
C GLY A 342 -11.60 -3.04 -1.18
N ARG A 343 -11.75 -3.94 -0.21
CA ARG A 343 -12.86 -3.88 0.74
C ARG A 343 -12.80 -2.65 1.65
N ASP A 344 -11.62 -1.99 1.75
CA ASP A 344 -11.45 -0.77 2.51
C ASP A 344 -11.96 0.49 1.75
N GLY A 345 -12.37 0.33 0.50
CA GLY A 345 -12.87 1.42 -0.32
C GLY A 345 -11.78 2.20 -1.03
N LEU A 346 -10.50 1.87 -0.79
CA LEU A 346 -9.40 2.57 -1.45
C LEU A 346 -9.13 1.96 -2.84
N GLN A 347 -8.36 2.67 -3.67
CA GLN A 347 -8.05 2.27 -5.02
C GLN A 347 -7.33 0.94 -5.12
N SER A 348 -7.91 0.01 -5.90
CA SER A 348 -7.37 -1.32 -6.18
C SER A 348 -7.40 -1.59 -7.68
N SER A 349 -6.62 -2.55 -8.15
CA SER A 349 -6.59 -2.90 -9.56
C SER A 349 -6.86 -4.37 -9.75
N CYS A 350 -7.56 -4.70 -10.83
CA CYS A 350 -7.85 -6.07 -11.17
C CYS A 350 -7.46 -6.27 -12.62
N HIS A 351 -6.41 -7.05 -12.86
CA HIS A 351 -5.90 -7.31 -14.19
C HIS A 351 -6.11 -8.75 -14.59
N VAL A 352 -6.48 -8.99 -15.86
CA VAL A 352 -6.60 -10.32 -16.41
C VAL A 352 -5.46 -10.47 -17.41
N LEU A 353 -4.68 -11.54 -17.31
CA LEU A 353 -3.61 -11.84 -18.26
C LEU A 353 -4.14 -13.10 -18.94
N TRP A 354 -4.42 -13.08 -20.25
CA TRP A 354 -5.00 -14.22 -20.93
C TRP A 354 -4.44 -14.52 -22.34
N ALA A 355 -4.71 -15.69 -22.86
CA ALA A 355 -4.37 -16.13 -24.20
C ALA A 355 -5.57 -16.92 -24.73
N PRO A 356 -5.82 -16.93 -26.05
CA PRO A 356 -6.97 -17.66 -26.59
C PRO A 356 -6.98 -19.15 -26.25
N ALA A 357 -5.81 -19.75 -26.03
CA ALA A 357 -5.73 -21.17 -25.63
C ALA A 357 -6.30 -21.45 -24.22
N ASP A 358 -6.35 -20.44 -23.34
CA ASP A 358 -6.94 -20.60 -22.01
C ASP A 358 -8.45 -20.84 -22.18
N ILE A 359 -9.10 -20.11 -23.13
CA ILE A 359 -10.54 -20.18 -23.43
C ILE A 359 -10.95 -21.59 -23.88
N ASN A 360 -10.10 -22.25 -24.71
CA ASN A 360 -10.38 -23.60 -25.18
C ASN A 360 -10.50 -24.57 -23.99
N LEU A 361 -9.59 -24.43 -23.02
CA LEU A 361 -9.56 -25.24 -21.81
C LEU A 361 -10.78 -25.05 -20.93
N ASN A 362 -11.22 -23.79 -20.72
CA ASN A 362 -12.36 -23.46 -19.86
C ASN A 362 -13.66 -24.07 -20.39
N ARG A 363 -13.82 -24.08 -21.72
CA ARG A 363 -14.99 -24.59 -22.41
C ARG A 363 -15.25 -26.06 -22.08
N HIS A 364 -14.19 -26.88 -22.04
CA HIS A 364 -14.31 -28.31 -21.74
C HIS A 364 -14.83 -28.57 -20.33
N LEU A 365 -14.46 -27.71 -19.38
CA LEU A 365 -14.89 -27.88 -17.99
C LEU A 365 -16.35 -27.47 -17.75
N LEU A 366 -16.99 -26.79 -18.72
CA LEU A 366 -18.39 -26.41 -18.58
C LEU A 366 -19.35 -27.58 -18.87
N THR A 367 -18.89 -28.60 -19.61
CA THR A 367 -19.70 -29.81 -19.82
C THR A 367 -19.72 -30.71 -18.55
N GLU A 368 -18.83 -30.45 -17.57
CA GLU A 368 -18.83 -31.22 -16.34
C GLU A 368 -19.76 -30.59 -15.28
N ILE A 369 -20.90 -30.06 -15.74
CA ILE A 369 -21.96 -29.49 -14.91
C ILE A 369 -23.17 -30.43 -15.11
N ARG A 370 -23.73 -30.97 -14.02
CA ARG A 370 -24.84 -31.91 -14.12
C ARG A 370 -26.19 -31.24 -14.43
N ASN A 371 -26.40 -30.00 -13.97
CA ASN A 371 -27.64 -29.27 -14.23
C ASN A 371 -27.51 -28.64 -15.61
N GLU A 372 -28.23 -29.15 -16.62
CA GLU A 372 -28.15 -28.57 -17.97
C GLU A 372 -28.71 -27.13 -18.04
N LYS A 373 -29.57 -26.75 -17.08
CA LYS A 373 -30.12 -25.40 -17.00
C LYS A 373 -29.04 -24.43 -16.51
N PHE A 374 -28.23 -24.87 -15.53
CA PHE A 374 -27.11 -24.09 -15.00
C PHE A 374 -25.90 -24.14 -15.93
N ARG A 375 -25.70 -25.25 -16.64
CA ARG A 375 -24.64 -25.42 -17.61
C ARG A 375 -24.85 -24.44 -18.77
N LEU A 376 -26.10 -24.29 -19.23
CA LEU A 376 -26.40 -23.34 -20.30
C LEU A 376 -26.22 -21.91 -19.81
N TYR A 377 -26.61 -21.62 -18.54
CA TYR A 377 -26.44 -20.33 -17.88
C TYR A 377 -24.94 -19.97 -17.85
N LYS A 378 -24.09 -20.92 -17.41
CA LYS A 378 -22.65 -20.75 -17.35
C LYS A 378 -22.03 -20.61 -18.73
N LEU A 379 -22.63 -21.25 -19.76
CA LEU A 379 -22.16 -21.15 -21.14
C LEU A 379 -22.39 -19.75 -21.71
N LYS A 380 -23.50 -19.11 -21.34
CA LYS A 380 -23.79 -17.73 -21.74
C LYS A 380 -22.82 -16.78 -21.02
N MET A 381 -22.54 -17.07 -19.73
CA MET A 381 -21.59 -16.34 -18.89
C MET A 381 -20.17 -16.47 -19.45
N MET A 382 -19.82 -17.64 -20.03
CA MET A 382 -18.50 -17.86 -20.61
C MET A 382 -18.35 -17.14 -21.92
N ALA A 383 -19.41 -17.14 -22.77
CA ALA A 383 -19.40 -16.42 -24.04
C ALA A 383 -19.24 -14.92 -23.77
N LYS A 384 -19.85 -14.41 -22.70
CA LYS A 384 -19.71 -13.02 -22.28
C LYS A 384 -18.28 -12.74 -21.85
N MET A 385 -17.63 -13.71 -21.21
CA MET A 385 -16.25 -13.60 -20.75
C MET A 385 -15.28 -13.37 -21.91
N GLU A 386 -15.36 -14.17 -22.98
CA GLU A 386 -14.48 -13.99 -24.14
C GLU A 386 -14.74 -12.67 -24.86
N LYS A 387 -16.00 -12.24 -24.89
CA LYS A 387 -16.38 -10.95 -25.49
C LYS A 387 -15.74 -9.83 -24.66
N TYR A 388 -15.86 -9.91 -23.33
CA TYR A 388 -15.27 -8.98 -22.39
C TYR A 388 -13.76 -8.87 -22.59
N LEU A 389 -13.05 -10.00 -22.76
CA LEU A 389 -11.61 -10.04 -22.94
C LEU A 389 -11.15 -9.43 -24.25
N HIS A 390 -11.88 -9.68 -25.35
CA HIS A 390 -11.54 -9.13 -26.68
C HIS A 390 -11.98 -7.68 -26.88
N SER A 391 -12.87 -7.16 -26.04
CA SER A 391 -13.47 -5.84 -26.20
C SER A 391 -12.55 -4.63 -26.13
N SER A 392 -12.94 -3.58 -26.89
CA SER A 392 -12.35 -2.24 -26.91
C SER A 392 -13.20 -1.22 -26.08
N ARG A 393 -14.35 -1.66 -25.54
CA ARG A 393 -15.29 -0.88 -24.75
C ARG A 393 -15.00 -0.95 -23.26
N CYS A 394 -15.56 -0.01 -22.48
CA CYS A 394 -15.43 0.06 -21.04
C CYS A 394 -15.73 -1.30 -20.38
N ARG A 395 -14.73 -1.83 -19.64
CA ARG A 395 -14.82 -3.10 -18.95
C ARG A 395 -15.94 -3.08 -17.92
N ARG A 396 -16.07 -1.97 -17.20
CA ARG A 396 -17.04 -1.76 -16.15
C ARG A 396 -18.44 -1.70 -16.74
N GLN A 397 -18.61 -1.05 -17.89
CA GLN A 397 -19.89 -1.01 -18.57
C GLN A 397 -20.32 -2.42 -18.99
N ILE A 398 -19.40 -3.25 -19.51
CA ILE A 398 -19.72 -4.63 -19.88
C ILE A 398 -20.19 -5.44 -18.68
N ILE A 399 -19.45 -5.38 -17.54
CA ILE A 399 -19.86 -6.10 -16.34
C ILE A 399 -21.20 -5.60 -15.81
N LEU A 400 -21.39 -4.27 -15.69
CA LEU A 400 -22.63 -3.66 -15.20
C LEU A 400 -23.82 -3.82 -16.13
N SER A 401 -23.61 -4.27 -17.39
CA SER A 401 -24.73 -4.45 -18.30
C SER A 401 -25.68 -5.58 -17.87
N HIS A 402 -25.29 -6.40 -16.86
CA HIS A 402 -26.11 -7.47 -16.29
C HIS A 402 -27.09 -6.99 -15.19
N PHE A 403 -26.91 -5.75 -14.69
CA PHE A 403 -27.75 -5.21 -13.62
C PHE A 403 -28.80 -4.22 -14.13
N GLU A 404 -29.92 -4.08 -13.41
CA GLU A 404 -30.95 -3.10 -13.75
C GLU A 404 -30.43 -1.70 -13.35
N ASP A 405 -30.77 -0.65 -14.14
CA ASP A 405 -30.31 0.73 -13.91
C ASP A 405 -30.49 1.25 -12.49
N LYS A 406 -31.55 0.82 -11.79
CA LYS A 406 -31.82 1.18 -10.40
C LYS A 406 -30.65 0.80 -9.45
N GLN A 407 -29.76 -0.10 -9.89
CA GLN A 407 -28.58 -0.52 -9.12
C GLN A 407 -27.30 0.22 -9.55
N VAL A 408 -27.30 0.89 -10.74
CA VAL A 408 -26.12 1.64 -11.21
C VAL A 408 -26.29 3.11 -10.78
N GLN A 409 -25.41 3.56 -9.90
CA GLN A 409 -25.48 4.88 -9.27
C GLN A 409 -24.53 5.92 -9.89
N LYS A 410 -24.65 7.19 -9.44
CA LYS A 410 -23.85 8.32 -9.89
C LYS A 410 -22.34 8.07 -9.71
N ALA A 411 -21.94 7.39 -8.61
CA ALA A 411 -20.53 7.11 -8.37
C ALA A 411 -19.91 6.29 -9.50
N SER A 412 -20.65 5.29 -10.01
CA SER A 412 -20.21 4.43 -11.09
C SER A 412 -20.11 5.23 -12.39
N LEU A 413 -21.12 6.07 -12.69
CA LEU A 413 -21.10 6.90 -13.88
C LEU A 413 -19.97 7.93 -13.86
N GLY A 414 -19.65 8.44 -12.66
CA GLY A 414 -18.56 9.38 -12.45
C GLY A 414 -17.19 8.76 -12.69
N ILE A 415 -17.07 7.45 -12.45
CA ILE A 415 -15.84 6.73 -12.68
C ILE A 415 -15.69 6.33 -14.15
N MET A 416 -16.74 5.79 -14.78
CA MET A 416 -16.70 5.41 -16.20
C MET A 416 -16.31 6.59 -17.09
N GLY A 417 -15.47 6.34 -18.08
CA GLY A 417 -15.01 7.39 -18.97
C GLY A 417 -13.78 8.11 -18.48
N THR A 418 -13.24 7.71 -17.31
CA THR A 418 -12.04 8.30 -16.71
C THR A 418 -10.90 7.30 -16.61
N GLU A 419 -9.66 7.80 -16.37
CA GLU A 419 -8.43 7.02 -16.21
C GLU A 419 -8.52 5.99 -15.09
N LYS A 420 -9.32 6.24 -14.04
CA LYS A 420 -9.46 5.32 -12.92
C LYS A 420 -10.49 4.22 -13.13
N CYS A 421 -11.21 4.22 -14.24
CA CYS A 421 -12.22 3.20 -14.51
C CYS A 421 -11.62 1.88 -15.03
N CYS A 422 -11.05 1.91 -16.25
CA CYS A 422 -10.54 0.73 -16.88
C CYS A 422 -9.53 1.09 -17.96
N ASP A 423 -8.86 0.08 -18.53
CA ASP A 423 -7.89 0.29 -19.60
C ASP A 423 -8.48 0.92 -20.83
N ASN A 424 -9.71 0.55 -21.18
CA ASN A 424 -10.40 1.07 -22.36
C ASN A 424 -10.98 2.49 -22.16
N CYS A 425 -11.05 2.98 -20.94
CA CYS A 425 -11.47 4.35 -20.65
C CYS A 425 -10.26 5.31 -20.60
N ARG A 426 -9.02 4.79 -20.52
CA ARG A 426 -7.81 5.59 -20.52
C ARG A 426 -7.50 6.13 -21.92
N SER A 427 -6.66 7.17 -21.98
CA SER A 427 -6.33 7.80 -23.26
C SER A 427 -4.97 7.35 -23.81
N PRO B 16 34.48 38.65 0.80
CA PRO B 16 33.62 39.83 0.71
C PRO B 16 32.23 39.63 1.28
N ALA B 17 31.56 40.72 1.68
CA ALA B 17 30.24 40.65 2.26
C ALA B 17 29.16 40.95 1.24
N PRO B 18 27.97 40.34 1.38
CA PRO B 18 26.89 40.64 0.44
C PRO B 18 26.34 42.07 0.62
N ASN B 19 25.97 42.74 -0.47
CA ASN B 19 25.44 44.09 -0.40
C ASN B 19 23.92 44.13 -0.05
N GLU B 20 23.33 45.34 0.10
CA GLU B 20 21.91 45.50 0.43
C GLU B 20 21.00 44.86 -0.62
N GLU B 21 21.32 45.02 -1.92
CA GLU B 21 20.51 44.42 -3.00
C GLU B 21 20.45 42.90 -2.84
N GLN B 22 21.59 42.30 -2.47
CA GLN B 22 21.75 40.87 -2.26
C GLN B 22 20.96 40.38 -1.06
N VAL B 23 21.09 41.05 0.10
CA VAL B 23 20.38 40.67 1.33
C VAL B 23 18.86 40.86 1.20
N THR B 24 18.42 41.93 0.50
CA THR B 24 17.01 42.22 0.28
C THR B 24 16.37 41.17 -0.64
N CYS B 25 17.12 40.71 -1.66
CA CYS B 25 16.62 39.67 -2.56
C CYS B 25 16.45 38.33 -1.81
N LEU B 26 17.40 38.03 -0.91
CA LEU B 26 17.38 36.84 -0.08
C LEU B 26 16.18 36.83 0.85
N LYS B 27 15.85 37.99 1.44
CA LYS B 27 14.70 38.11 2.34
C LYS B 27 13.36 38.09 1.56
N MET B 28 13.31 38.74 0.41
CA MET B 28 12.08 38.84 -0.39
C MET B 28 11.62 37.52 -1.00
N TYR B 29 12.54 36.79 -1.65
CA TYR B 29 12.18 35.55 -2.32
C TYR B 29 12.50 34.27 -1.56
N PHE B 30 13.30 34.35 -0.49
CA PHE B 30 13.66 33.15 0.24
C PHE B 30 13.32 33.21 1.75
N GLY B 31 13.13 34.41 2.28
CA GLY B 31 12.76 34.60 3.67
C GLY B 31 13.89 34.56 4.69
N HIS B 32 15.14 34.38 4.25
CA HIS B 32 16.26 34.33 5.17
C HIS B 32 16.92 35.68 5.38
N SER B 33 17.30 36.01 6.61
CA SER B 33 17.95 37.28 6.91
C SER B 33 19.48 37.26 6.70
N SER B 34 20.08 36.07 6.54
CA SER B 34 21.51 35.96 6.32
C SER B 34 21.87 34.69 5.54
N PHE B 35 23.06 34.70 4.90
CA PHE B 35 23.58 33.57 4.15
C PHE B 35 24.47 32.74 5.07
N LYS B 36 24.39 31.40 4.99
CA LYS B 36 25.27 30.54 5.78
C LYS B 36 26.68 30.61 5.15
N PRO B 37 27.76 30.48 5.95
CA PRO B 37 29.11 30.67 5.40
C PRO B 37 29.43 29.97 4.08
N VAL B 38 29.16 28.66 3.97
CA VAL B 38 29.44 27.92 2.74
C VAL B 38 28.47 28.27 1.60
N GLN B 39 27.23 28.68 1.93
CA GLN B 39 26.26 29.09 0.91
C GLN B 39 26.80 30.36 0.22
N TRP B 40 27.31 31.33 1.01
CA TRP B 40 27.84 32.55 0.46
C TRP B 40 29.13 32.29 -0.32
N LYS B 41 29.98 31.33 0.11
CA LYS B 41 31.19 30.99 -0.64
C LYS B 41 30.84 30.48 -2.04
N VAL B 42 29.81 29.62 -2.15
CA VAL B 42 29.38 29.10 -3.45
C VAL B 42 28.69 30.19 -4.28
N ILE B 43 27.73 30.91 -3.68
CA ILE B 43 26.98 31.98 -4.36
C ILE B 43 27.91 33.07 -4.90
N HIS B 44 28.83 33.58 -4.07
CA HIS B 44 29.77 34.61 -4.48
C HIS B 44 30.68 34.11 -5.59
N SER B 45 31.15 32.87 -5.50
CA SER B 45 32.04 32.27 -6.50
C SER B 45 31.34 32.14 -7.86
N VAL B 46 30.05 31.80 -7.86
CA VAL B 46 29.30 31.67 -9.09
C VAL B 46 28.97 33.04 -9.72
N LEU B 47 28.56 34.00 -8.87
CA LEU B 47 28.16 35.33 -9.31
C LEU B 47 29.31 36.22 -9.78
N GLU B 48 30.41 36.26 -9.00
CA GLU B 48 31.53 37.14 -9.31
C GLU B 48 32.61 36.49 -10.16
N GLU B 49 32.94 35.22 -9.91
CA GLU B 49 34.02 34.57 -10.64
C GLU B 49 33.57 33.59 -11.73
N ARG B 50 32.26 33.31 -11.84
CA ARG B 50 31.70 32.36 -12.83
C ARG B 50 32.43 31.00 -12.75
N ARG B 51 32.75 30.57 -11.52
CA ARG B 51 33.54 29.38 -11.25
C ARG B 51 32.73 28.12 -10.93
N ASP B 52 33.22 26.97 -11.43
CA ASP B 52 32.63 25.67 -11.15
C ASP B 52 32.79 25.39 -9.66
N ASN B 53 31.82 24.72 -9.06
CA ASN B 53 31.85 24.40 -7.65
C ASN B 53 31.49 22.94 -7.42
N VAL B 54 32.11 22.34 -6.40
CA VAL B 54 31.74 21.00 -5.95
C VAL B 54 31.51 21.19 -4.47
N ALA B 55 30.26 21.08 -4.04
CA ALA B 55 29.93 21.30 -2.65
C ALA B 55 29.38 20.09 -1.97
N VAL B 56 30.04 19.71 -0.88
CA VAL B 56 29.62 18.58 -0.07
C VAL B 56 29.03 19.23 1.17
N MET B 57 27.69 19.31 1.23
CA MET B 57 27.03 19.96 2.35
C MET B 57 26.24 18.98 3.22
N ALA B 58 26.22 19.20 4.54
CA ALA B 58 25.48 18.38 5.49
C ALA B 58 23.98 18.34 5.13
N THR B 59 23.24 17.35 5.69
CA THR B 59 21.81 17.23 5.51
C THR B 59 21.14 18.45 6.12
N GLY B 60 20.20 19.02 5.38
CA GLY B 60 19.48 20.21 5.79
C GLY B 60 20.25 21.51 5.88
N TYR B 61 21.49 21.57 5.33
CA TYR B 61 22.32 22.78 5.39
C TYR B 61 21.72 23.94 4.60
N GLY B 62 21.37 23.69 3.36
CA GLY B 62 20.81 24.70 2.48
C GLY B 62 21.44 24.67 1.11
N LYS B 63 21.62 23.45 0.55
CA LYS B 63 22.20 23.29 -0.77
C LYS B 63 21.34 23.95 -1.84
N SER B 64 20.00 23.96 -1.66
CA SER B 64 19.11 24.55 -2.65
C SER B 64 19.38 26.00 -2.98
N LEU B 65 19.66 26.83 -1.96
CA LEU B 65 19.93 28.25 -2.15
C LEU B 65 21.13 28.49 -3.07
N CYS B 66 22.14 27.61 -3.01
CA CYS B 66 23.33 27.71 -3.84
C CYS B 66 23.03 27.80 -5.33
N PHE B 67 21.97 27.11 -5.78
CA PHE B 67 21.62 27.14 -7.20
C PHE B 67 20.34 27.93 -7.48
N GLN B 68 19.47 28.14 -6.48
CA GLN B 68 18.23 28.87 -6.70
C GLN B 68 18.42 30.36 -6.59
N TYR B 69 19.24 30.80 -5.64
CA TYR B 69 19.44 32.22 -5.39
C TYR B 69 20.16 32.97 -6.54
N PRO B 70 21.34 32.56 -7.06
CA PRO B 70 22.00 33.36 -8.10
C PRO B 70 21.12 33.76 -9.31
N PRO B 71 20.36 32.88 -10.02
CA PRO B 71 19.53 33.37 -11.13
C PRO B 71 18.38 34.28 -10.71
N VAL B 72 17.92 34.16 -9.45
CA VAL B 72 16.85 35.02 -8.94
C VAL B 72 17.39 36.45 -8.74
N TYR B 73 18.61 36.58 -8.20
CA TYR B 73 19.23 37.88 -7.97
C TYR B 73 19.56 38.63 -9.28
N VAL B 74 20.11 37.93 -10.27
CA VAL B 74 20.47 38.56 -11.55
C VAL B 74 19.34 38.55 -12.60
N GLY B 75 18.20 37.94 -12.28
CA GLY B 75 17.07 37.90 -13.21
C GLY B 75 17.30 37.07 -14.46
N LYS B 76 18.15 36.05 -14.37
CA LYS B 76 18.48 35.16 -15.49
C LYS B 76 18.05 33.68 -15.25
N ILE B 77 18.55 32.71 -16.05
CA ILE B 77 18.17 31.30 -15.91
C ILE B 77 19.19 30.46 -15.12
N GLY B 78 18.66 29.60 -14.26
CA GLY B 78 19.45 28.62 -13.51
C GLY B 78 18.94 27.27 -13.97
N LEU B 79 19.83 26.41 -14.48
CA LEU B 79 19.43 25.10 -14.99
C LEU B 79 19.68 24.02 -13.95
N VAL B 80 18.64 23.34 -13.46
CA VAL B 80 18.81 22.29 -12.47
C VAL B 80 18.62 20.91 -13.08
N ILE B 81 19.67 20.09 -13.11
CA ILE B 81 19.60 18.74 -13.68
C ILE B 81 19.45 17.69 -12.57
N SER B 82 18.38 16.84 -12.56
CA SER B 82 18.21 15.93 -11.41
C SER B 82 17.80 14.51 -11.78
N PRO B 83 18.15 13.49 -10.96
CA PRO B 83 17.78 12.11 -11.30
C PRO B 83 16.33 11.75 -10.99
N LEU B 84 15.65 12.54 -10.14
CA LEU B 84 14.29 12.22 -9.74
C LEU B 84 13.28 13.25 -10.23
N ILE B 85 12.37 12.84 -11.10
CA ILE B 85 11.30 13.67 -11.64
C ILE B 85 10.38 14.24 -10.56
N SER B 86 9.97 13.38 -9.60
CA SER B 86 9.07 13.76 -8.52
C SER B 86 9.65 14.87 -7.67
N LEU B 87 10.96 14.83 -7.42
CA LEU B 87 11.62 15.85 -6.61
C LEU B 87 11.68 17.18 -7.32
N MET B 88 11.82 17.17 -8.64
CA MET B 88 11.78 18.38 -9.44
C MET B 88 10.36 18.96 -9.43
N GLU B 89 9.31 18.12 -9.50
CA GLU B 89 7.93 18.61 -9.42
C GLU B 89 7.64 19.33 -8.09
N ASP B 90 8.18 18.78 -6.98
CA ASP B 90 8.01 19.33 -5.63
C ASP B 90 8.68 20.67 -5.45
N GLN B 91 9.85 20.80 -6.03
CA GLN B 91 10.68 21.99 -5.95
C GLN B 91 10.09 23.16 -6.76
N VAL B 92 9.52 22.87 -7.93
CA VAL B 92 8.88 23.87 -8.78
C VAL B 92 7.69 24.48 -8.04
N LEU B 93 6.85 23.64 -7.42
CA LEU B 93 5.69 24.10 -6.66
C LEU B 93 6.14 25.01 -5.51
N GLN B 94 7.21 24.60 -4.81
CA GLN B 94 7.78 25.34 -3.70
C GLN B 94 8.24 26.73 -4.17
N LEU B 95 8.96 26.78 -5.29
CA LEU B 95 9.47 28.02 -5.88
C LEU B 95 8.32 28.96 -6.28
N LYS B 96 7.31 28.42 -6.98
CA LYS B 96 6.17 29.23 -7.40
C LYS B 96 5.44 29.84 -6.19
N MET B 97 5.43 29.15 -5.05
CA MET B 97 4.80 29.67 -3.82
C MET B 97 5.61 30.79 -3.17
N SER B 98 6.92 30.87 -3.45
CA SER B 98 7.77 31.96 -2.99
C SER B 98 7.87 33.08 -4.07
N ASN B 99 6.94 33.09 -5.03
CA ASN B 99 6.86 34.03 -6.15
C ASN B 99 8.12 34.01 -7.02
N ILE B 100 8.69 32.82 -7.21
CA ILE B 100 9.85 32.65 -8.08
C ILE B 100 9.37 31.83 -9.27
N PRO B 101 9.38 32.42 -10.47
CA PRO B 101 8.92 31.65 -11.64
C PRO B 101 9.84 30.47 -11.91
N ALA B 102 9.26 29.28 -11.96
CA ALA B 102 10.03 28.05 -12.18
C ALA B 102 9.21 27.02 -12.93
N CYS B 103 9.88 26.11 -13.64
CA CYS B 103 9.19 25.07 -14.39
C CYS B 103 10.08 23.87 -14.66
N PHE B 104 9.48 22.77 -15.14
CA PHE B 104 10.19 21.58 -15.53
C PHE B 104 10.14 21.52 -17.05
N LEU B 105 11.29 21.42 -17.70
CA LEU B 105 11.40 21.35 -19.15
C LEU B 105 11.72 19.91 -19.53
N ALA B 108 7.84 15.92 -23.31
CA ALA B 108 6.40 15.95 -23.09
C ALA B 108 5.86 17.31 -22.60
N GLN B 109 6.71 18.34 -22.57
CA GLN B 109 6.28 19.68 -22.12
C GLN B 109 5.66 20.45 -23.31
N SER B 110 4.67 21.33 -23.04
CA SER B 110 3.99 22.14 -24.05
C SER B 110 4.95 23.12 -24.72
N GLU B 111 4.62 23.53 -25.96
CA GLU B 111 5.43 24.48 -26.73
C GLU B 111 5.45 25.87 -26.09
N ASN B 112 4.34 26.26 -25.44
CA ASN B 112 4.24 27.57 -24.81
C ASN B 112 5.16 27.72 -23.60
N VAL B 113 5.47 26.62 -22.89
CA VAL B 113 6.39 26.68 -21.77
C VAL B 113 7.81 26.91 -22.31
N LEU B 114 8.19 26.21 -23.40
CA LEU B 114 9.50 26.36 -24.01
C LEU B 114 9.69 27.78 -24.60
N THR B 115 8.62 28.35 -25.20
CA THR B 115 8.68 29.71 -25.74
C THR B 115 8.88 30.71 -24.60
N ASP B 116 8.19 30.48 -23.45
CA ASP B 116 8.32 31.33 -22.26
C ASP B 116 9.70 31.23 -21.63
N ILE B 117 10.37 30.06 -21.76
CA ILE B 117 11.73 29.88 -21.25
C ILE B 117 12.68 30.72 -22.12
N LYS B 118 12.51 30.65 -23.47
CA LYS B 118 13.28 31.43 -24.44
C LYS B 118 13.05 32.95 -24.28
N LEU B 119 11.88 33.35 -23.79
CA LEU B 119 11.56 34.75 -23.54
C LEU B 119 12.05 35.27 -22.16
N GLY B 120 12.67 34.39 -21.37
CA GLY B 120 13.21 34.73 -20.05
C GLY B 120 12.17 34.85 -18.96
N LYS B 121 11.05 34.14 -19.08
CA LYS B 121 9.99 34.20 -18.07
C LYS B 121 10.30 33.39 -16.81
N TYR B 122 11.15 32.34 -16.93
CA TYR B 122 11.46 31.45 -15.80
C TYR B 122 12.86 31.61 -15.21
N ARG B 123 12.96 31.71 -13.88
CA ARG B 123 14.25 31.85 -13.20
C ARG B 123 14.94 30.51 -13.03
N ILE B 124 14.18 29.46 -12.68
CA ILE B 124 14.76 28.13 -12.48
C ILE B 124 14.11 27.10 -13.39
N VAL B 125 14.92 26.44 -14.23
CA VAL B 125 14.42 25.43 -15.15
C VAL B 125 14.95 24.06 -14.79
N TYR B 126 14.06 23.13 -14.42
CA TYR B 126 14.43 21.76 -14.04
C TYR B 126 14.39 20.90 -15.27
N VAL B 127 15.46 20.17 -15.51
CA VAL B 127 15.56 19.33 -16.69
C VAL B 127 16.26 17.99 -16.31
N THR B 128 16.03 16.93 -17.10
CA THR B 128 16.68 15.63 -16.83
C THR B 128 18.00 15.56 -17.58
N PRO B 129 18.92 14.66 -17.16
CA PRO B 129 20.16 14.48 -17.93
C PRO B 129 19.90 14.05 -19.38
N GLU B 130 18.85 13.22 -19.58
CA GLU B 130 18.43 12.71 -20.90
C GLU B 130 17.98 13.83 -21.82
N TYR B 131 17.21 14.79 -21.31
CA TYR B 131 16.75 15.91 -22.12
C TYR B 131 17.92 16.79 -22.53
N CYS B 132 18.88 17.01 -21.60
CA CYS B 132 20.09 17.81 -21.86
C CYS B 132 20.87 17.28 -23.04
N SER B 133 21.10 15.95 -23.06
CA SER B 133 21.86 15.30 -24.10
C SER B 133 21.25 15.49 -25.50
N GLY B 134 19.93 15.41 -25.57
CA GLY B 134 19.23 15.55 -26.84
C GLY B 134 18.95 16.97 -27.28
N ASN B 135 19.12 17.95 -26.38
CA ASN B 135 18.82 19.35 -26.71
C ASN B 135 19.94 20.33 -26.38
N MET B 136 21.20 19.97 -26.65
CA MET B 136 22.34 20.83 -26.37
C MET B 136 22.30 22.17 -27.12
N GLY B 137 21.78 22.14 -28.34
CA GLY B 137 21.65 23.33 -29.16
C GLY B 137 20.71 24.35 -28.54
N LEU B 138 19.60 23.87 -27.96
CA LEU B 138 18.63 24.70 -27.27
C LEU B 138 19.30 25.39 -26.08
N LEU B 139 20.11 24.64 -25.33
CA LEU B 139 20.81 25.15 -24.16
C LEU B 139 21.83 26.22 -24.54
N GLN B 140 22.52 26.05 -25.68
CA GLN B 140 23.48 27.04 -26.16
C GLN B 140 22.77 28.32 -26.63
N GLN B 141 21.59 28.18 -27.24
CA GLN B 141 20.76 29.29 -27.70
C GLN B 141 20.29 30.09 -26.48
N LEU B 142 19.85 29.38 -25.42
CA LEU B 142 19.37 29.96 -24.17
C LEU B 142 20.47 30.77 -23.49
N GLU B 143 21.71 30.27 -23.50
CA GLU B 143 22.84 30.99 -22.91
C GLU B 143 23.18 32.23 -23.73
N ALA B 144 23.23 32.12 -25.06
CA ALA B 144 23.54 33.27 -25.91
C ALA B 144 22.50 34.39 -25.84
N ASP B 145 21.20 34.05 -25.90
CA ASP B 145 20.10 35.03 -25.87
C ASP B 145 19.70 35.54 -24.48
N ILE B 146 19.59 34.65 -23.49
CA ILE B 146 19.14 35.05 -22.15
C ILE B 146 20.28 35.04 -21.14
N GLY B 147 21.05 33.96 -21.14
CA GLY B 147 22.16 33.81 -20.22
C GLY B 147 21.84 32.82 -19.10
N ILE B 148 22.68 31.79 -18.96
CA ILE B 148 22.48 30.80 -17.91
C ILE B 148 23.48 31.08 -16.79
N THR B 149 22.98 31.54 -15.65
CA THR B 149 23.79 31.89 -14.49
C THR B 149 24.58 30.68 -14.00
N LEU B 150 23.94 29.50 -13.99
CA LEU B 150 24.60 28.28 -13.52
C LEU B 150 23.85 27.02 -13.93
N ILE B 151 24.55 25.89 -13.90
CA ILE B 151 23.97 24.57 -14.11
C ILE B 151 24.22 23.81 -12.81
N ALA B 152 23.15 23.34 -12.17
CA ALA B 152 23.26 22.62 -10.93
C ALA B 152 23.07 21.14 -11.15
N VAL B 153 23.94 20.32 -10.59
CA VAL B 153 23.82 18.87 -10.67
C VAL B 153 23.75 18.37 -9.25
N ASP B 154 22.49 18.26 -8.76
CA ASP B 154 22.13 17.82 -7.42
C ASP B 154 22.19 16.31 -7.37
N GLU B 155 22.64 15.78 -6.24
CA GLU B 155 22.85 14.34 -6.07
C GLU B 155 23.97 13.86 -7.01
N ALA B 156 24.98 14.72 -7.25
CA ALA B 156 26.13 14.42 -8.12
C ALA B 156 26.95 13.21 -7.69
N HIS B 157 26.65 12.62 -6.54
CA HIS B 157 27.29 11.40 -6.06
C HIS B 157 26.85 10.17 -6.88
N CYS B 158 25.78 10.27 -7.69
CA CYS B 158 25.19 9.22 -8.50
C CYS B 158 25.98 8.89 -9.77
N ILE B 159 27.27 9.23 -9.81
CA ILE B 159 28.08 8.96 -10.99
C ILE B 159 29.33 8.13 -10.60
N SER B 160 29.10 7.04 -9.85
CA SER B 160 30.16 6.14 -9.43
C SER B 160 29.66 4.68 -9.40
N LEU B 176 28.79 18.59 -21.82
CA LEU B 176 28.17 19.49 -20.85
C LEU B 176 28.93 20.84 -20.75
N LYS B 177 30.07 20.88 -20.04
CA LYS B 177 30.88 22.09 -19.92
C LYS B 177 31.68 22.41 -21.22
N THR B 178 31.69 21.48 -22.18
CA THR B 178 32.32 21.69 -23.48
C THR B 178 31.40 22.56 -24.36
N ALA B 179 30.07 22.38 -24.24
CA ALA B 179 29.10 23.16 -25.01
C ALA B 179 28.84 24.51 -24.35
N LEU B 180 28.90 24.57 -23.01
CA LEU B 180 28.69 25.81 -22.25
C LEU B 180 29.93 26.09 -21.38
N PRO B 181 31.06 26.55 -21.97
CA PRO B 181 32.27 26.75 -21.18
C PRO B 181 32.22 27.91 -20.21
N MET B 182 31.43 28.94 -20.52
CA MET B 182 31.33 30.11 -19.64
C MET B 182 30.27 29.96 -18.51
N VAL B 183 29.47 28.89 -18.57
CA VAL B 183 28.44 28.59 -17.58
C VAL B 183 28.99 27.70 -16.48
N PRO B 184 29.06 28.22 -15.24
CA PRO B 184 29.60 27.41 -14.14
C PRO B 184 28.68 26.29 -13.71
N ILE B 185 29.27 25.16 -13.30
CA ILE B 185 28.50 24.02 -12.84
C ILE B 185 28.64 23.85 -11.33
N VAL B 186 27.52 23.84 -10.62
CA VAL B 186 27.51 23.64 -9.18
C VAL B 186 27.10 22.20 -8.96
N ALA B 187 28.06 21.32 -8.64
CA ALA B 187 27.77 19.91 -8.38
C ALA B 187 27.63 19.70 -6.88
N LEU B 188 26.44 19.29 -6.44
CA LEU B 188 26.13 19.11 -5.04
C LEU B 188 26.00 17.66 -4.66
N THR B 189 26.19 17.42 -3.35
CA THR B 189 26.04 16.12 -2.72
C THR B 189 26.06 16.29 -1.21
N ALA B 190 25.37 15.38 -0.53
CA ALA B 190 25.40 15.32 0.93
C ALA B 190 26.21 14.09 1.40
N THR B 191 26.44 13.12 0.50
CA THR B 191 27.13 11.86 0.73
C THR B 191 28.22 11.61 -0.32
N ALA B 192 29.36 12.28 -0.20
CA ALA B 192 30.47 12.05 -1.14
C ALA B 192 31.81 12.16 -0.47
N SER B 193 32.43 11.01 -0.19
CA SER B 193 33.74 10.88 0.47
C SER B 193 34.85 11.61 -0.32
N SER B 194 36.10 11.59 0.17
CA SER B 194 37.20 12.23 -0.56
C SER B 194 37.42 11.53 -1.89
N SER B 195 37.34 10.20 -1.93
CA SER B 195 37.55 9.46 -3.17
C SER B 195 36.43 9.69 -4.17
N ILE B 196 35.18 9.68 -3.71
CA ILE B 196 34.02 9.92 -4.57
C ILE B 196 34.01 11.38 -5.08
N ARG B 197 34.46 12.33 -4.23
CA ARG B 197 34.55 13.74 -4.54
C ARG B 197 35.52 13.99 -5.72
N GLU B 198 36.59 13.16 -5.83
CA GLU B 198 37.56 13.27 -6.93
C GLU B 198 37.00 12.70 -8.25
N ASP B 199 36.06 11.75 -8.18
CA ASP B 199 35.47 11.14 -9.36
C ASP B 199 34.48 12.07 -10.06
N ILE B 200 33.79 12.93 -9.27
CA ILE B 200 32.79 13.88 -9.77
C ILE B 200 33.41 14.94 -10.64
N VAL B 201 34.57 15.49 -10.22
CA VAL B 201 35.26 16.50 -11.02
C VAL B 201 35.71 15.93 -12.37
N ARG B 202 36.14 14.65 -12.38
CA ARG B 202 36.59 13.92 -13.56
C ARG B 202 35.44 13.61 -14.51
N CYS B 203 34.32 13.13 -13.96
CA CYS B 203 33.15 12.76 -14.76
C CYS B 203 32.50 13.95 -15.46
N LEU B 204 32.37 15.09 -14.77
CA LEU B 204 31.74 16.26 -15.35
C LEU B 204 32.70 17.27 -15.99
N ASN B 205 34.00 16.91 -16.09
CA ASN B 205 35.06 17.72 -16.70
C ASN B 205 35.07 19.19 -16.19
N LEU B 206 34.98 19.37 -14.88
CA LEU B 206 35.02 20.70 -14.29
C LEU B 206 36.46 21.22 -14.28
N ARG B 207 36.64 22.54 -14.48
CA ARG B 207 38.00 23.06 -14.45
C ARG B 207 38.18 24.05 -13.31
N ASN B 208 39.20 23.76 -12.51
CA ASN B 208 39.58 24.43 -11.27
C ASN B 208 38.37 24.72 -10.37
N PRO B 209 37.55 23.70 -10.03
CA PRO B 209 36.38 23.97 -9.20
C PRO B 209 36.70 24.32 -7.76
N GLN B 210 35.88 25.20 -7.17
CA GLN B 210 36.04 25.53 -5.76
C GLN B 210 35.41 24.34 -5.02
N ILE B 211 36.21 23.70 -4.16
CA ILE B 211 35.71 22.56 -3.40
C ILE B 211 35.41 23.01 -1.99
N THR B 212 34.15 22.84 -1.57
CA THR B 212 33.72 23.22 -0.23
C THR B 212 33.05 22.02 0.44
N CYS B 213 33.25 21.95 1.74
CA CYS B 213 32.67 20.95 2.61
C CYS B 213 32.28 21.67 3.88
N THR B 214 31.04 21.49 4.32
CA THR B 214 30.53 22.16 5.51
C THR B 214 30.84 21.45 6.82
N GLY B 215 31.05 20.15 6.74
CA GLY B 215 31.11 19.31 7.92
C GLY B 215 29.78 18.56 7.92
N PHE B 216 29.82 17.29 8.28
CA PHE B 216 28.67 16.42 8.24
C PHE B 216 27.80 16.38 9.51
N ASP B 217 28.28 16.87 10.66
CA ASP B 217 27.52 16.77 11.91
C ASP B 217 26.20 17.58 11.97
N ARG B 218 25.21 16.97 12.66
CA ARG B 218 23.88 17.49 12.96
C ARG B 218 23.84 17.30 14.45
N PRO B 219 24.40 18.26 15.20
CA PRO B 219 24.61 18.01 16.64
C PRO B 219 23.34 17.88 17.46
N ASN B 220 22.21 18.34 16.91
CA ASN B 220 20.90 18.26 17.55
C ASN B 220 20.23 16.88 17.38
N LEU B 221 20.93 15.90 16.77
CA LEU B 221 20.38 14.57 16.58
C LEU B 221 21.02 13.59 17.51
N TYR B 222 20.28 13.12 18.51
CA TYR B 222 20.77 12.09 19.43
C TYR B 222 20.69 10.74 18.67
N LEU B 223 21.70 9.88 18.77
CA LEU B 223 21.74 8.62 18.02
C LEU B 223 21.67 7.38 18.91
N GLU B 224 20.87 6.38 18.54
CA GLU B 224 20.77 5.15 19.33
C GLU B 224 20.48 3.96 18.45
N VAL B 225 21.01 2.80 18.82
CA VAL B 225 20.77 1.54 18.11
C VAL B 225 20.28 0.52 19.12
N ARG B 226 19.22 -0.22 18.78
CA ARG B 226 18.73 -1.28 19.64
C ARG B 226 18.27 -2.48 18.82
N ARG B 227 18.24 -3.63 19.46
CA ARG B 227 17.85 -4.87 18.81
C ARG B 227 16.36 -5.04 18.80
N LYS B 228 15.85 -5.59 17.71
CA LYS B 228 14.45 -5.92 17.55
C LYS B 228 14.14 -7.15 18.39
N THR B 229 12.93 -7.20 18.96
CA THR B 229 12.45 -8.27 19.83
C THR B 229 11.63 -9.35 19.14
N GLY B 230 11.35 -9.20 17.85
CA GLY B 230 10.50 -10.14 17.14
C GLY B 230 9.01 -9.81 17.17
N ASN B 231 8.66 -8.58 17.66
CA ASN B 231 7.29 -8.11 17.79
C ASN B 231 7.25 -6.60 17.57
N ILE B 232 6.52 -6.13 16.54
CA ILE B 232 6.44 -4.71 16.17
C ILE B 232 5.94 -3.80 17.29
N LEU B 233 4.81 -4.15 17.93
CA LEU B 233 4.28 -3.32 19.01
C LEU B 233 5.18 -3.33 20.24
N GLN B 234 5.83 -4.44 20.54
CA GLN B 234 6.78 -4.53 21.63
C GLN B 234 8.03 -3.67 21.34
N ASP B 235 8.48 -3.62 20.08
CA ASP B 235 9.61 -2.80 19.63
C ASP B 235 9.31 -1.30 19.67
N LEU B 236 8.08 -0.92 19.26
CA LEU B 236 7.73 0.49 19.16
C LEU B 236 7.08 1.05 20.42
N GLN B 237 6.59 0.20 21.33
CA GLN B 237 5.98 0.60 22.62
C GLN B 237 6.84 1.58 23.41
N PRO B 238 8.17 1.38 23.58
CA PRO B 238 8.97 2.35 24.34
C PRO B 238 8.95 3.78 23.79
N PHE B 239 8.60 3.95 22.50
CA PHE B 239 8.51 5.27 21.88
C PHE B 239 7.14 5.93 22.06
N LEU B 240 6.13 5.21 22.56
CA LEU B 240 4.79 5.72 22.74
C LEU B 240 4.57 6.23 24.16
N VAL B 241 4.10 7.49 24.29
CA VAL B 241 3.85 8.16 25.57
C VAL B 241 2.32 8.20 25.88
N LYS B 242 1.96 7.97 27.14
CA LYS B 242 0.59 7.95 27.65
C LYS B 242 -0.28 6.88 26.98
N HIS B 246 -0.40 2.65 25.84
CA HIS B 246 0.46 3.26 24.84
C HIS B 246 -0.31 3.80 23.63
N TRP B 247 -0.64 5.12 23.61
CA TRP B 247 -1.46 5.61 22.51
C TRP B 247 -0.95 6.83 21.73
N GLU B 248 0.32 7.27 21.86
CA GLU B 248 0.78 8.40 21.05
C GLU B 248 2.28 8.55 20.95
N PHE B 249 2.83 9.05 19.82
CA PHE B 249 4.27 9.36 19.78
C PHE B 249 4.49 10.69 20.53
N GLU B 250 5.71 10.93 21.02
CA GLU B 250 6.01 12.18 21.72
C GLU B 250 5.95 13.38 20.80
N GLY B 251 6.32 13.18 19.53
CA GLY B 251 6.26 14.22 18.53
C GLY B 251 6.21 13.66 17.11
N PRO B 252 6.29 14.53 16.12
CA PRO B 252 6.28 14.07 14.72
C PRO B 252 7.39 13.07 14.45
N THR B 253 7.02 11.94 13.84
CA THR B 253 7.95 10.84 13.66
C THR B 253 7.98 10.25 12.26
N ILE B 254 9.17 9.86 11.79
CA ILE B 254 9.30 9.13 10.54
C ILE B 254 9.83 7.75 10.91
N ILE B 255 9.21 6.70 10.41
CA ILE B 255 9.68 5.34 10.58
C ILE B 255 10.12 4.86 9.19
N TYR B 256 11.40 4.56 9.00
CA TYR B 256 11.90 4.07 7.73
C TYR B 256 11.86 2.56 7.68
N CYS B 257 11.30 2.00 6.64
CA CYS B 257 11.20 0.56 6.45
C CYS B 257 11.95 0.18 5.18
N PRO B 258 12.59 -1.00 5.15
CA PRO B 258 13.36 -1.38 3.96
C PRO B 258 12.51 -1.73 2.73
N SER B 259 11.21 -2.01 2.95
CA SER B 259 10.31 -2.41 1.90
C SER B 259 8.85 -1.94 2.16
N ARG B 260 8.02 -1.97 1.13
CA ARG B 260 6.58 -1.69 1.23
C ARG B 260 5.89 -2.79 2.05
N LYS B 261 6.37 -4.05 1.96
CA LYS B 261 5.80 -5.12 2.75
C LYS B 261 6.01 -4.83 4.25
N MET B 262 7.20 -4.35 4.63
CA MET B 262 7.46 -4.03 6.03
C MET B 262 6.70 -2.79 6.46
N THR B 263 6.58 -1.80 5.58
CA THR B 263 5.78 -0.59 5.83
C THR B 263 4.31 -0.97 6.11
N GLN B 264 3.80 -1.93 5.35
CA GLN B 264 2.45 -2.42 5.48
C GLN B 264 2.25 -3.06 6.83
N GLN B 265 3.21 -3.87 7.27
CA GLN B 265 3.16 -4.53 8.57
C GLN B 265 3.20 -3.53 9.73
N VAL B 266 4.17 -2.59 9.72
CA VAL B 266 4.31 -1.57 10.76
C VAL B 266 3.08 -0.68 10.85
N THR B 267 2.62 -0.14 9.71
CA THR B 267 1.43 0.70 9.64
C THR B 267 0.20 -0.02 10.17
N GLY B 268 0.03 -1.29 9.79
CA GLY B 268 -1.09 -2.09 10.25
C GLY B 268 -1.10 -2.25 11.75
N GLU B 269 0.08 -2.46 12.36
CA GLU B 269 0.19 -2.60 13.82
C GLU B 269 -0.08 -1.29 14.52
N LEU B 270 0.48 -0.18 14.00
CA LEU B 270 0.26 1.13 14.61
C LEU B 270 -1.18 1.55 14.52
N ARG B 271 -1.90 1.17 13.46
CA ARG B 271 -3.30 1.53 13.31
C ARG B 271 -4.20 0.76 14.30
N LYS B 272 -3.75 -0.39 14.83
CA LYS B 272 -4.50 -1.11 15.87
C LYS B 272 -4.58 -0.27 17.18
N LEU B 273 -3.63 0.66 17.37
CA LEU B 273 -3.54 1.58 18.51
C LEU B 273 -4.19 2.96 18.18
N ASN B 274 -4.83 3.09 17.02
CA ASN B 274 -5.50 4.27 16.50
C ASN B 274 -4.54 5.45 16.35
N LEU B 275 -3.28 5.15 15.98
CA LEU B 275 -2.25 6.14 15.75
C LEU B 275 -2.44 6.75 14.39
N SER B 276 -2.29 8.07 14.30
CA SER B 276 -2.46 8.82 13.07
C SER B 276 -1.24 8.60 12.19
N CYS B 277 -1.38 7.74 11.14
CA CYS B 277 -0.31 7.34 10.24
C CYS B 277 -0.55 7.67 8.81
N GLY B 278 0.54 7.74 8.07
CA GLY B 278 0.56 7.89 6.63
C GLY B 278 1.73 7.13 6.05
N THR B 279 1.65 6.66 4.81
CA THR B 279 2.78 5.94 4.18
C THR B 279 3.42 6.78 3.10
N TYR B 280 4.68 6.52 2.76
CA TYR B 280 5.38 7.33 1.76
C TYR B 280 6.35 6.48 1.00
N HIS B 281 6.11 6.33 -0.30
CA HIS B 281 6.95 5.49 -1.14
C HIS B 281 7.32 6.21 -2.43
N ALA B 282 8.32 5.68 -3.15
CA ALA B 282 8.64 6.17 -4.48
C ALA B 282 7.50 5.73 -5.40
N GLY B 283 7.17 6.56 -6.37
CA GLY B 283 6.11 6.26 -7.30
C GLY B 283 4.78 6.90 -6.98
N MET B 284 4.70 7.61 -5.84
CA MET B 284 3.44 8.27 -5.47
C MET B 284 3.18 9.48 -6.34
N SER B 285 1.92 9.70 -6.70
N SER B 285 1.91 9.70 -6.71
CA SER B 285 1.53 10.82 -7.56
CA SER B 285 1.51 10.82 -7.55
C SER B 285 1.76 12.17 -6.85
C SER B 285 1.71 12.16 -6.85
N PHE B 286 1.78 13.27 -7.63
CA PHE B 286 1.98 14.62 -7.09
C PHE B 286 0.89 14.97 -6.07
N SER B 287 -0.37 14.55 -6.34
CA SER B 287 -1.51 14.77 -5.45
C SER B 287 -1.33 14.04 -4.12
N THR B 288 -0.84 12.79 -4.16
CA THR B 288 -0.60 11.98 -2.97
C THR B 288 0.51 12.60 -2.12
N ARG B 289 1.60 13.04 -2.74
CA ARG B 289 2.71 13.66 -2.01
C ARG B 289 2.30 15.00 -1.39
N LYS B 290 1.39 15.74 -2.03
CA LYS B 290 0.89 17.01 -1.51
C LYS B 290 -0.05 16.76 -0.32
N ASP B 291 -0.86 15.69 -0.38
CA ASP B 291 -1.79 15.30 0.67
C ASP B 291 -0.97 14.90 1.91
N ILE B 292 0.09 14.09 1.72
CA ILE B 292 0.93 13.65 2.82
C ILE B 292 1.66 14.83 3.41
N HIS B 293 2.20 15.72 2.58
CA HIS B 293 2.86 16.92 3.06
C HIS B 293 1.96 17.78 3.95
N HIS B 294 0.70 18.04 3.51
N HIS B 294 0.70 18.06 3.53
CA HIS B 294 -0.29 18.84 4.22
CA HIS B 294 -0.16 18.93 4.32
C HIS B 294 -0.70 18.22 5.54
C HIS B 294 -0.76 18.24 5.56
N ARG B 295 -0.98 16.92 5.55
CA ARG B 295 -1.44 16.22 6.75
C ARG B 295 -0.31 16.09 7.76
N PHE B 296 0.95 15.91 7.30
CA PHE B 296 2.09 15.82 8.20
C PHE B 296 2.46 17.20 8.73
N VAL B 297 2.53 18.23 7.86
CA VAL B 297 2.90 19.60 8.28
C VAL B 297 1.86 20.18 9.25
N ARG B 298 0.55 19.93 9.01
CA ARG B 298 -0.52 20.39 9.92
C ARG B 298 -0.68 19.52 11.18
N ASP B 299 0.11 18.46 11.31
CA ASP B 299 0.09 17.55 12.42
C ASP B 299 -1.23 16.77 12.53
N GLU B 300 -1.91 16.53 11.38
CA GLU B 300 -3.08 15.65 11.31
C GLU B 300 -2.62 14.17 11.33
N ILE B 301 -1.39 13.90 10.82
CA ILE B 301 -0.63 12.67 10.79
C ILE B 301 0.50 12.92 11.80
N GLN B 302 0.69 12.01 12.75
CA GLN B 302 1.80 12.12 13.69
C GLN B 302 3.01 11.35 13.20
N CYS B 303 2.77 10.29 12.40
CA CYS B 303 3.81 9.43 11.93
C CYS B 303 3.74 9.13 10.43
N VAL B 304 4.88 9.19 9.75
CA VAL B 304 4.98 8.80 8.35
C VAL B 304 5.86 7.53 8.30
N ILE B 305 5.33 6.42 7.80
CA ILE B 305 6.07 5.18 7.65
C ILE B 305 6.51 5.18 6.17
N ALA B 306 7.80 5.33 5.94
CA ALA B 306 8.33 5.57 4.61
C ALA B 306 9.47 4.64 4.18
N THR B 307 9.64 4.48 2.86
CA THR B 307 10.72 3.70 2.26
C THR B 307 11.72 4.59 1.50
N ILE B 308 11.50 5.91 1.47
CA ILE B 308 12.36 6.90 0.81
C ILE B 308 12.58 8.08 1.74
N ALA B 309 13.69 8.79 1.54
CA ALA B 309 14.04 9.92 2.39
C ALA B 309 14.05 11.26 1.66
N PHE B 310 13.30 11.39 0.59
CA PHE B 310 13.25 12.63 -0.19
C PHE B 310 11.80 12.97 -0.56
N GLY B 311 11.54 14.24 -0.84
CA GLY B 311 10.22 14.67 -1.25
C GLY B 311 9.48 15.54 -0.28
N MET B 312 8.41 16.15 -0.74
CA MET B 312 7.61 17.06 0.05
C MET B 312 6.77 16.36 1.10
N GLY B 313 6.46 15.08 0.92
CA GLY B 313 5.67 14.34 1.91
C GLY B 313 6.29 14.34 3.29
N ILE B 314 7.62 14.31 3.34
CA ILE B 314 8.34 14.32 4.61
C ILE B 314 9.16 15.57 4.87
N ASN B 315 8.88 16.67 4.19
CA ASN B 315 9.58 17.94 4.37
C ASN B 315 8.82 18.76 5.42
N LYS B 316 9.30 18.70 6.64
CA LYS B 316 8.65 19.27 7.82
C LYS B 316 9.81 19.63 8.74
N ALA B 317 9.85 20.82 9.32
CA ALA B 317 10.99 21.26 10.13
C ALA B 317 11.07 20.65 11.52
N ASP B 318 9.95 20.23 12.07
CA ASP B 318 9.91 19.74 13.43
C ASP B 318 9.77 18.22 13.57
N ILE B 319 10.58 17.46 12.82
CA ILE B 319 10.59 16.01 12.98
C ILE B 319 11.42 15.71 14.20
N ARG B 320 10.75 15.22 15.25
CA ARG B 320 11.41 14.97 16.53
C ARG B 320 12.02 13.61 16.65
N GLN B 321 11.52 12.63 15.88
CA GLN B 321 12.01 11.27 16.00
C GLN B 321 12.07 10.57 14.66
N VAL B 322 13.16 9.87 14.41
CA VAL B 322 13.35 9.03 13.24
C VAL B 322 13.64 7.63 13.78
N ILE B 323 12.92 6.64 13.26
CA ILE B 323 13.13 5.26 13.66
C ILE B 323 13.42 4.47 12.41
N HIS B 324 14.55 3.78 12.35
CA HIS B 324 14.82 2.88 11.22
C HIS B 324 14.32 1.54 11.68
N TYR B 325 13.17 1.09 11.16
CA TYR B 325 12.63 -0.22 11.52
C TYR B 325 13.23 -1.25 10.60
N GLY B 326 14.42 -1.68 10.96
CA GLY B 326 15.23 -2.59 10.18
C GLY B 326 16.58 -1.94 9.92
N ALA B 327 17.62 -2.76 9.78
CA ALA B 327 18.96 -2.27 9.50
C ALA B 327 18.99 -1.38 8.24
N PRO B 328 19.60 -0.20 8.32
CA PRO B 328 19.69 0.66 7.13
C PRO B 328 20.47 0.00 5.98
N LYS B 329 20.29 0.49 4.75
CA LYS B 329 20.92 -0.10 3.57
C LYS B 329 22.46 0.04 3.58
N ASP B 330 22.93 1.23 3.94
CA ASP B 330 24.34 1.60 4.03
C ASP B 330 24.45 2.95 4.77
N MET B 331 25.68 3.36 5.12
CA MET B 331 25.93 4.59 5.89
C MET B 331 25.46 5.86 5.19
N GLU B 332 25.59 5.92 3.87
CA GLU B 332 25.17 7.07 3.10
C GLU B 332 23.65 7.23 3.10
N SER B 333 22.89 6.11 2.89
CA SER B 333 21.42 6.14 2.97
C SER B 333 21.01 6.53 4.39
N TYR B 334 21.59 5.86 5.38
CA TYR B 334 21.32 6.11 6.80
C TYR B 334 21.51 7.60 7.17
N TYR B 335 22.62 8.21 6.76
CA TYR B 335 22.91 9.62 7.00
C TYR B 335 21.83 10.55 6.39
N GLN B 336 21.41 10.26 5.13
CA GLN B 336 20.39 11.04 4.44
C GLN B 336 19.05 10.91 5.16
N GLU B 337 18.72 9.67 5.55
CA GLU B 337 17.49 9.35 6.24
C GLU B 337 17.38 10.03 7.59
N ILE B 338 18.45 9.97 8.43
CA ILE B 338 18.40 10.68 9.70
C ILE B 338 18.44 12.21 9.53
N GLY B 339 19.01 12.68 8.42
CA GLY B 339 19.09 14.10 8.11
C GLY B 339 17.76 14.80 7.94
N ARG B 340 16.67 14.02 7.83
CA ARG B 340 15.31 14.58 7.73
C ARG B 340 14.80 15.08 9.08
N ALA B 341 15.43 14.64 10.19
CA ALA B 341 15.02 15.03 11.52
C ALA B 341 15.61 16.36 11.94
N GLY B 342 14.89 17.06 12.81
CA GLY B 342 15.33 18.31 13.43
C GLY B 342 15.82 19.41 12.53
N ARG B 343 15.12 19.67 11.42
CA ARG B 343 15.47 20.74 10.50
C ARG B 343 15.28 22.14 11.12
N ASP B 344 14.54 22.22 12.23
CA ASP B 344 14.34 23.45 12.98
C ASP B 344 15.52 23.75 13.93
N GLY B 345 16.49 22.82 14.05
CA GLY B 345 17.64 22.98 14.93
C GLY B 345 17.40 22.56 16.36
N LEU B 346 16.16 22.16 16.70
CA LEU B 346 15.85 21.70 18.05
C LEU B 346 16.22 20.22 18.24
N GLN B 347 16.27 19.74 19.49
CA GLN B 347 16.62 18.38 19.82
C GLN B 347 15.71 17.31 19.21
N SER B 348 16.32 16.37 18.49
CA SER B 348 15.63 15.23 17.87
C SER B 348 16.39 13.92 18.18
N SER B 349 15.73 12.78 18.01
CA SER B 349 16.35 11.47 18.24
C SER B 349 16.24 10.60 17.02
N CYS B 350 17.26 9.79 16.80
CA CYS B 350 17.30 8.87 15.69
C CYS B 350 17.67 7.52 16.22
N HIS B 351 16.72 6.56 16.20
CA HIS B 351 16.91 5.21 16.70
C HIS B 351 16.89 4.19 15.58
N VAL B 352 17.78 3.19 15.61
CA VAL B 352 17.76 2.07 14.67
C VAL B 352 17.29 0.86 15.45
N LEU B 353 16.31 0.12 14.94
CA LEU B 353 15.84 -1.13 15.54
C LEU B 353 16.24 -2.17 14.52
N TRP B 354 17.14 -3.10 14.87
CA TRP B 354 17.63 -4.08 13.89
C TRP B 354 17.80 -5.51 14.45
N ALA B 355 17.93 -6.48 13.56
CA ALA B 355 18.20 -7.87 13.86
C ALA B 355 19.20 -8.36 12.82
N PRO B 356 20.09 -9.30 13.15
CA PRO B 356 21.06 -9.79 12.14
C PRO B 356 20.43 -10.31 10.85
N ALA B 357 19.20 -10.83 10.93
CA ALA B 357 18.46 -11.37 9.80
C ALA B 357 17.87 -10.32 8.89
N ASP B 358 18.05 -9.01 9.17
CA ASP B 358 17.46 -7.95 8.36
C ASP B 358 17.89 -7.97 6.92
N ILE B 359 16.94 -7.67 6.00
CA ILE B 359 17.18 -7.75 4.56
C ILE B 359 18.35 -6.89 4.09
N ASN B 360 18.57 -5.69 4.66
CA ASN B 360 19.73 -4.87 4.24
C ASN B 360 21.10 -5.41 4.75
N LEU B 361 21.08 -6.57 5.47
CA LEU B 361 22.21 -7.34 5.96
C LEU B 361 22.23 -8.77 5.38
N ASN B 362 21.46 -9.03 4.30
CA ASN B 362 21.40 -10.32 3.64
C ASN B 362 22.40 -10.33 2.48
N ARG B 363 23.47 -11.11 2.63
CA ARG B 363 24.56 -11.23 1.67
C ARG B 363 24.11 -11.89 0.37
N HIS B 364 23.18 -12.85 0.46
CA HIS B 364 22.65 -13.62 -0.66
C HIS B 364 21.85 -12.77 -1.66
N LEU B 365 21.18 -11.73 -1.18
CA LEU B 365 20.41 -10.84 -2.04
C LEU B 365 21.34 -10.00 -2.96
N LEU B 366 22.54 -9.71 -2.48
CA LEU B 366 23.55 -8.95 -3.22
C LEU B 366 24.30 -9.85 -4.19
N THR B 367 24.58 -11.11 -3.81
CA THR B 367 25.35 -12.06 -4.64
C THR B 367 24.93 -12.14 -6.11
N GLU B 368 23.62 -12.19 -6.40
CA GLU B 368 23.14 -12.25 -7.79
C GLU B 368 23.11 -10.84 -8.40
N ILE B 369 24.31 -10.32 -8.75
CA ILE B 369 24.51 -8.98 -9.34
C ILE B 369 25.95 -8.83 -9.88
N GLU B 372 29.63 -9.52 -11.17
CA GLU B 372 30.28 -9.84 -9.90
C GLU B 372 31.63 -9.12 -9.72
N LYS B 373 31.85 -8.00 -10.44
CA LYS B 373 33.10 -7.24 -10.33
C LYS B 373 32.99 -6.20 -9.21
N PHE B 374 31.88 -5.46 -9.18
CA PHE B 374 31.62 -4.45 -8.15
C PHE B 374 30.82 -4.99 -6.94
N ARG B 375 30.42 -6.29 -6.98
CA ARG B 375 29.67 -6.95 -5.90
C ARG B 375 30.48 -6.96 -4.58
N LEU B 376 31.81 -6.92 -4.67
CA LEU B 376 32.68 -6.92 -3.51
C LEU B 376 32.63 -5.62 -2.71
N TYR B 377 32.43 -4.47 -3.38
CA TYR B 377 32.38 -3.19 -2.66
C TYR B 377 31.06 -2.98 -1.91
N LYS B 378 29.95 -3.48 -2.45
CA LYS B 378 28.65 -3.37 -1.76
C LYS B 378 28.61 -4.23 -0.47
N LEU B 379 29.44 -5.29 -0.41
CA LEU B 379 29.62 -6.15 0.76
C LEU B 379 30.39 -5.37 1.84
N LYS B 380 31.35 -4.52 1.41
CA LYS B 380 32.15 -3.67 2.30
C LYS B 380 31.24 -2.59 2.89
N MET B 381 30.30 -2.02 2.09
CA MET B 381 29.32 -1.00 2.54
C MET B 381 28.33 -1.59 3.56
N MET B 382 27.98 -2.87 3.37
CA MET B 382 27.09 -3.64 4.23
C MET B 382 27.79 -4.01 5.53
N ALA B 383 29.07 -4.38 5.46
CA ALA B 383 29.84 -4.73 6.65
C ALA B 383 30.16 -3.50 7.51
N LYS B 384 30.34 -2.30 6.89
CA LYS B 384 30.55 -1.06 7.63
C LYS B 384 29.28 -0.73 8.45
N MET B 385 28.10 -0.92 7.84
CA MET B 385 26.81 -0.70 8.49
C MET B 385 26.61 -1.66 9.66
N GLU B 386 26.91 -2.96 9.46
CA GLU B 386 26.81 -3.96 10.53
C GLU B 386 27.81 -3.69 11.66
N LYS B 387 28.99 -3.15 11.34
CA LYS B 387 29.99 -2.79 12.35
C LYS B 387 29.43 -1.64 13.20
N TYR B 388 28.81 -0.63 12.55
CA TYR B 388 28.21 0.51 13.25
C TYR B 388 27.14 0.03 14.21
N LEU B 389 26.27 -0.89 13.75
CA LEU B 389 25.17 -1.43 14.53
C LEU B 389 25.64 -2.25 15.74
N HIS B 390 26.69 -3.07 15.59
CA HIS B 390 27.19 -3.88 16.70
C HIS B 390 28.07 -3.09 17.68
N SER B 391 28.60 -1.92 17.27
CA SER B 391 29.56 -1.11 17.99
C SER B 391 29.18 -0.66 19.39
N SER B 392 30.22 -0.57 20.24
CA SER B 392 30.20 -0.03 21.61
C SER B 392 30.75 1.43 21.63
N ARG B 393 31.26 1.95 20.50
CA ARG B 393 31.84 3.25 20.35
C ARG B 393 30.81 4.32 19.96
N CYS B 394 31.17 5.61 20.17
CA CYS B 394 30.35 6.76 19.83
C CYS B 394 29.80 6.66 18.40
N ARG B 395 28.47 6.67 18.27
CA ARG B 395 27.79 6.58 17.00
C ARG B 395 28.16 7.73 16.09
N ARG B 396 28.24 8.95 16.67
CA ARG B 396 28.54 10.19 15.97
C ARG B 396 29.98 10.18 15.47
N GLN B 397 30.92 9.66 16.28
CA GLN B 397 32.30 9.52 15.86
C GLN B 397 32.40 8.54 14.67
N ILE B 398 31.67 7.41 14.68
CA ILE B 398 31.69 6.45 13.57
C ILE B 398 31.17 7.09 12.28
N ILE B 399 30.04 7.81 12.35
CA ILE B 399 29.50 8.48 11.16
C ILE B 399 30.48 9.53 10.64
N LEU B 400 31.01 10.39 11.52
CA LEU B 400 31.92 11.44 11.10
C LEU B 400 33.22 10.90 10.52
N SER B 401 33.71 9.75 11.01
CA SER B 401 34.91 9.13 10.47
C SER B 401 34.64 8.47 9.12
N HIS B 402 33.43 7.88 8.96
CA HIS B 402 33.03 7.25 7.70
C HIS B 402 33.07 8.27 6.56
N PHE B 403 32.55 9.48 6.80
CA PHE B 403 32.55 10.54 5.80
C PHE B 403 33.88 11.35 5.78
N GLU B 404 34.94 10.80 6.43
CA GLU B 404 36.29 11.33 6.56
C GLU B 404 36.27 12.84 6.79
N ASP B 405 35.38 13.24 7.70
CA ASP B 405 35.10 14.62 8.04
C ASP B 405 36.29 15.31 8.67
N LYS B 406 36.87 16.26 7.95
CA LYS B 406 37.97 17.05 8.53
C LYS B 406 37.49 18.46 8.92
N GLN B 407 36.18 18.61 9.19
CA GLN B 407 35.53 19.86 9.57
C GLN B 407 34.69 19.66 10.85
N VAL B 408 35.14 18.79 11.78
CA VAL B 408 34.41 18.53 13.01
C VAL B 408 34.70 19.65 13.99
N GLN B 409 33.77 20.60 14.14
CA GLN B 409 33.91 21.80 14.98
C GLN B 409 33.74 21.55 16.47
N LYS B 410 34.00 22.58 17.30
CA LYS B 410 33.90 22.56 18.75
C LYS B 410 32.54 22.11 19.23
N ALA B 411 31.46 22.52 18.57
CA ALA B 411 30.10 22.13 18.98
C ALA B 411 29.91 20.61 18.97
N SER B 412 30.44 19.94 17.94
CA SER B 412 30.38 18.50 17.81
C SER B 412 31.22 17.82 18.88
N LEU B 413 32.46 18.33 19.13
CA LEU B 413 33.33 17.76 20.17
C LEU B 413 32.73 17.94 21.57
N GLY B 414 32.04 19.06 21.78
CA GLY B 414 31.38 19.37 23.04
C GLY B 414 30.21 18.43 23.30
N ILE B 415 29.58 17.91 22.24
CA ILE B 415 28.48 16.97 22.38
C ILE B 415 29.00 15.53 22.58
N MET B 416 30.00 15.10 21.80
CA MET B 416 30.59 13.76 21.94
C MET B 416 31.13 13.53 23.34
N GLY B 417 30.91 12.34 23.87
CA GLY B 417 31.36 12.02 25.22
C GLY B 417 30.38 12.39 26.31
N THR B 418 29.22 12.98 25.93
CA THR B 418 28.16 13.38 26.86
C THR B 418 26.84 12.64 26.57
N GLU B 419 25.87 12.71 27.50
CA GLU B 419 24.54 12.13 27.36
C GLU B 419 23.76 12.68 26.16
N LYS B 420 24.12 13.87 25.69
CA LYS B 420 23.48 14.53 24.56
C LYS B 420 23.87 13.90 23.20
N CYS B 421 24.91 13.08 23.17
CA CYS B 421 25.45 12.55 21.92
C CYS B 421 24.76 11.30 21.37
N CYS B 422 24.91 10.18 22.04
CA CYS B 422 24.46 8.90 21.55
C CYS B 422 24.34 7.92 22.70
N ASP B 423 23.77 6.73 22.43
CA ASP B 423 23.61 5.69 23.45
C ASP B 423 24.94 5.23 24.05
N ASN B 424 25.99 5.15 23.21
CA ASN B 424 27.31 4.71 23.65
C ASN B 424 28.11 5.76 24.40
N CYS B 425 27.69 7.03 24.35
CA CYS B 425 28.32 8.09 25.13
C CYS B 425 27.65 8.23 26.53
N ARG B 426 26.45 7.67 26.72
CA ARG B 426 25.74 7.70 27.99
C ARG B 426 26.35 6.69 28.98
N SER B 427 26.05 6.84 30.27
CA SER B 427 26.58 5.91 31.27
C SER B 427 25.54 4.89 31.74
#